data_4CV5
#
_entry.id   4CV5
#
_cell.length_a   188.339
_cell.length_b   188.339
_cell.length_c   126.689
_cell.angle_alpha   90.00
_cell.angle_beta   90.00
_cell.angle_gamma   90.00
#
_symmetry.space_group_name_H-M   'P 43 21 2'
#
loop_
_entity.id
_entity.type
_entity.pdbx_description
1 polymer 'GENERAL NEGATIVE REGULATOR OF TRANSCRIPTION SUBUNIT 1'
2 polymer 'PROTEIN CAF40'
3 non-polymer 'HEXATANTALUM DODECABROMIDE'
#
loop_
_entity_poly.entity_id
_entity_poly.type
_entity_poly.pdbx_seq_one_letter_code
_entity_poly.pdbx_strand_id
1 'polypeptide(L)'
;NPFNNLLGSTIFVTHPDLKRVFQMALAKSVREILLEVVEKSSGIAVVTTTKIILKDFATEVDESKLKTAAIIMVRHLAQS
LARATSIEPLKEGIRSTMQSLAPNLMSLSSSPAEELDTAINENIGIALVLIEKASMDKSTQDLADQLMQAIAIRRYHKER
RADQPFITQNTNPYSLSLPEPLGLKNTGVTPQQFRVYEEFGKNIPNLDVIPF
;
A,C
2 'polypeptide(L)'
;LMGNTPNNNNSNENGENNGNNGNNGGNDANATRNNPNMVNNRGAVHALDDPNVYHWICQLTYGPQKEQALLELGRKREQF
DDLAVVLWSSFGVMTSLLNEIISVYPMLQPQMLSNNLSNRVCNALVLLQCVASHPETKHLFLQAHIPLFLFPFLNTTSRQ
RTFEYLRLTSLGVIGALVKNDSQDVITFLLRTDIVPLCLRIMESSSELSKTVAIFILQKILLDDVGLQYICATLERFYAV
TNVLKDMVEHLTVSTPPGRLLKHIIRCYLRLSDDLEARRLLKIVLPAKLRDNTFTEVLRDDVGSKRCLAQLLLTLNEETS
;
B,D
#
loop_
_chem_comp.id
_chem_comp.type
_chem_comp.name
_chem_comp.formula
TBR non-polymer 'HEXATANTALUM DODECABROMIDE' 'Br12 Ta6'
#
# COMPACT_ATOMS: atom_id res chain seq x y z
N PRO A 2 6.71 0.18 -34.11
CA PRO A 2 6.59 0.46 -35.55
C PRO A 2 6.61 1.95 -35.85
N PHE A 3 5.42 2.54 -36.00
CA PHE A 3 5.30 3.97 -36.29
C PHE A 3 5.77 4.83 -35.12
N ASN A 4 6.07 6.09 -35.42
CA ASN A 4 6.51 7.06 -34.42
C ASN A 4 7.86 6.73 -33.77
N ASN A 5 8.68 5.97 -34.50
CA ASN A 5 10.09 5.77 -34.14
C ASN A 5 10.36 4.97 -32.86
N LEU A 6 9.30 4.55 -32.18
CA LEU A 6 9.41 3.87 -30.88
C LEU A 6 9.98 4.81 -29.82
N LEU A 7 9.68 6.09 -29.95
CA LEU A 7 10.16 7.11 -29.02
C LEU A 7 9.33 7.15 -27.74
N GLY A 8 9.94 7.61 -26.63
CA GLY A 8 11.37 7.84 -26.57
C GLY A 8 12.13 6.69 -25.94
N SER A 9 13.40 6.54 -26.32
CA SER A 9 14.29 5.55 -25.73
C SER A 9 15.72 5.72 -26.22
N THR A 10 16.61 4.83 -25.79
CA THR A 10 17.96 4.77 -26.28
C THR A 10 18.21 3.36 -26.78
N ILE A 11 19.45 3.06 -27.20
CA ILE A 11 19.81 1.71 -27.64
C ILE A 11 18.93 1.13 -28.77
N PHE A 12 18.13 0.10 -28.48
CA PHE A 12 17.35 -0.63 -29.50
C PHE A 12 16.57 0.27 -30.47
N VAL A 13 16.18 1.45 -30.01
CA VAL A 13 15.49 2.41 -30.86
C VAL A 13 16.46 3.11 -31.82
N THR A 14 17.62 3.51 -31.32
CA THR A 14 18.58 4.29 -32.09
C THR A 14 19.49 3.47 -33.01
N HIS A 15 19.50 2.16 -32.85
CA HIS A 15 20.29 1.29 -33.73
C HIS A 15 19.41 0.57 -34.75
N PRO A 16 19.54 0.97 -36.03
CA PRO A 16 18.71 0.51 -37.15
C PRO A 16 18.64 -1.01 -37.30
N ASP A 17 19.78 -1.69 -37.23
CA ASP A 17 19.82 -3.14 -37.41
C ASP A 17 19.04 -3.86 -36.32
N LEU A 18 19.16 -3.36 -35.09
CA LEU A 18 18.43 -3.92 -33.97
C LEU A 18 16.99 -3.41 -33.93
N LYS A 19 16.78 -2.22 -34.50
CA LYS A 19 15.46 -1.59 -34.53
C LYS A 19 14.44 -2.46 -35.27
N ARG A 20 14.89 -3.11 -36.33
CA ARG A 20 14.03 -3.97 -37.14
C ARG A 20 13.55 -5.19 -36.36
N VAL A 21 14.48 -5.92 -35.77
CA VAL A 21 14.14 -7.14 -35.04
C VAL A 21 13.34 -6.83 -33.76
N PHE A 22 13.45 -5.59 -33.29
CA PHE A 22 12.67 -5.17 -32.12
C PHE A 22 11.20 -5.01 -32.48
N GLN A 23 10.93 -4.28 -33.56
CA GLN A 23 9.57 -4.08 -34.05
C GLN A 23 8.93 -5.42 -34.40
N MET A 24 9.76 -6.35 -34.86
CA MET A 24 9.28 -7.68 -35.23
C MET A 24 8.92 -8.48 -33.99
N ALA A 25 9.57 -8.16 -32.87
CA ALA A 25 9.32 -8.84 -31.61
C ALA A 25 8.00 -8.38 -30.99
N LEU A 26 7.73 -7.08 -31.06
CA LEU A 26 6.50 -6.51 -30.53
C LEU A 26 5.29 -7.02 -31.29
N ALA A 27 5.35 -6.93 -32.62
CA ALA A 27 4.24 -7.37 -33.47
C ALA A 27 3.89 -8.83 -33.23
N LYS A 28 4.90 -9.69 -33.14
CA LYS A 28 4.70 -11.11 -32.89
C LYS A 28 4.13 -11.32 -31.49
N SER A 29 4.54 -10.48 -30.55
CA SER A 29 4.04 -10.54 -29.19
C SER A 29 2.55 -10.19 -29.15
N VAL A 30 2.19 -9.10 -29.81
CA VAL A 30 0.80 -8.63 -29.86
C VAL A 30 -0.11 -9.66 -30.51
N ARG A 31 0.20 -10.05 -31.74
CA ARG A 31 -0.61 -10.99 -32.51
C ARG A 31 -0.82 -12.33 -31.78
N GLU A 32 0.10 -12.66 -30.89
CA GLU A 32 0.01 -13.91 -30.14
C GLU A 32 -1.13 -13.87 -29.13
N ILE A 33 -1.11 -12.86 -28.27
CA ILE A 33 -2.10 -12.75 -27.20
C ILE A 33 -3.34 -11.92 -27.53
N LEU A 34 -3.32 -11.23 -28.68
CA LEU A 34 -4.44 -10.37 -29.06
C LEU A 34 -5.75 -11.14 -29.17
N LEU A 35 -5.69 -12.28 -29.86
CA LEU A 35 -6.87 -13.11 -30.05
C LEU A 35 -7.38 -13.66 -28.73
N GLU A 36 -6.46 -14.11 -27.89
CA GLU A 36 -6.82 -14.71 -26.60
C GLU A 36 -7.43 -13.69 -25.64
N VAL A 37 -6.85 -12.50 -25.58
CA VAL A 37 -7.30 -11.45 -24.66
C VAL A 37 -8.66 -10.86 -25.02
N VAL A 38 -8.81 -10.41 -26.27
CA VAL A 38 -10.02 -9.71 -26.71
C VAL A 38 -11.29 -10.53 -26.53
N GLU A 39 -11.24 -11.80 -26.90
CA GLU A 39 -12.40 -12.68 -26.76
C GLU A 39 -12.85 -12.82 -25.31
N LYS A 40 -11.90 -13.04 -24.41
CA LYS A 40 -12.19 -13.23 -23.00
C LYS A 40 -12.59 -11.92 -22.30
N SER A 41 -11.78 -10.88 -22.49
CA SER A 41 -12.02 -9.60 -21.81
C SER A 41 -13.37 -9.00 -22.18
N SER A 42 -13.61 -8.87 -23.48
CA SER A 42 -14.88 -8.35 -23.99
C SER A 42 -16.05 -9.25 -23.58
N GLY A 43 -15.78 -10.55 -23.48
CA GLY A 43 -16.79 -11.50 -23.05
C GLY A 43 -17.29 -11.21 -21.65
N ILE A 44 -16.38 -10.85 -20.77
CA ILE A 44 -16.74 -10.49 -19.40
C ILE A 44 -17.35 -9.10 -19.36
N ALA A 45 -16.80 -8.20 -20.17
CA ALA A 45 -17.24 -6.81 -20.21
C ALA A 45 -18.71 -6.66 -20.59
N VAL A 46 -19.09 -7.22 -21.74
CA VAL A 46 -20.46 -7.08 -22.24
C VAL A 46 -21.50 -7.77 -21.36
N VAL A 47 -21.13 -8.89 -20.75
CA VAL A 47 -22.04 -9.63 -19.88
C VAL A 47 -22.24 -8.90 -18.55
N THR A 48 -21.14 -8.53 -17.92
CA THR A 48 -21.19 -7.91 -16.60
C THR A 48 -21.82 -6.52 -16.64
N THR A 49 -21.72 -5.85 -17.79
CA THR A 49 -22.37 -4.56 -17.97
C THR A 49 -23.85 -4.73 -18.26
N THR A 50 -24.18 -5.72 -19.08
CA THR A 50 -25.58 -6.01 -19.43
C THR A 50 -26.43 -6.23 -18.19
N LYS A 51 -25.98 -7.12 -17.30
CA LYS A 51 -26.72 -7.42 -16.08
C LYS A 51 -26.82 -6.21 -15.15
N ILE A 52 -25.75 -5.43 -15.07
CA ILE A 52 -25.73 -4.25 -14.21
C ILE A 52 -26.61 -3.11 -14.73
N ILE A 53 -26.39 -2.74 -15.99
CA ILE A 53 -27.11 -1.61 -16.60
C ILE A 53 -28.63 -1.82 -16.57
N LEU A 54 -29.07 -2.97 -17.05
CA LEU A 54 -30.51 -3.27 -17.13
C LEU A 54 -31.19 -3.26 -15.76
N LYS A 55 -30.50 -3.75 -14.73
CA LYS A 55 -31.03 -3.73 -13.38
C LYS A 55 -31.23 -2.30 -12.88
N ASP A 56 -30.21 -1.47 -13.07
CA ASP A 56 -30.23 -0.08 -12.62
C ASP A 56 -31.14 0.80 -13.49
N PHE A 57 -31.19 0.51 -14.79
CA PHE A 57 -31.94 1.33 -15.75
C PHE A 57 -33.36 0.87 -16.02
N ALA A 58 -33.84 -0.11 -15.25
CA ALA A 58 -35.17 -0.69 -15.45
C ALA A 58 -36.29 0.34 -15.63
N THR A 59 -36.23 1.43 -14.86
CA THR A 59 -37.25 2.47 -14.95
C THR A 59 -36.89 3.57 -15.95
N GLU A 60 -35.70 3.46 -16.54
CA GLU A 60 -35.19 4.51 -17.42
C GLU A 60 -35.74 4.42 -18.84
N VAL A 61 -35.94 5.59 -19.45
CA VAL A 61 -36.46 5.73 -20.81
C VAL A 61 -35.42 6.53 -21.58
N ASP A 62 -35.73 6.92 -22.82
CA ASP A 62 -34.78 7.64 -23.67
C ASP A 62 -33.55 6.78 -23.90
N GLU A 63 -33.69 5.75 -24.72
CA GLU A 63 -32.63 4.77 -24.96
C GLU A 63 -31.28 5.40 -25.31
N SER A 64 -31.33 6.62 -25.86
CA SER A 64 -30.11 7.39 -26.08
C SER A 64 -29.38 7.62 -24.76
N LYS A 65 -30.16 7.88 -23.70
CA LYS A 65 -29.59 8.05 -22.38
C LYS A 65 -29.16 6.70 -21.79
N LEU A 66 -29.78 5.62 -22.25
CA LEU A 66 -29.35 4.28 -21.87
C LEU A 66 -28.08 3.94 -22.64
N LYS A 67 -28.09 4.20 -23.93
CA LYS A 67 -26.95 3.90 -24.80
C LYS A 67 -25.69 4.63 -24.34
N THR A 68 -25.83 5.90 -23.98
CA THR A 68 -24.72 6.71 -23.52
C THR A 68 -24.06 6.09 -22.29
N ALA A 69 -24.87 5.68 -21.31
CA ALA A 69 -24.34 5.10 -20.09
C ALA A 69 -23.98 3.63 -20.28
N ALA A 70 -24.54 3.00 -21.30
CA ALA A 70 -24.21 1.61 -21.59
C ALA A 70 -22.88 1.47 -22.33
N ILE A 71 -22.65 2.36 -23.29
CA ILE A 71 -21.43 2.34 -24.09
C ILE A 71 -20.19 2.65 -23.27
N ILE A 72 -20.19 3.78 -22.57
CA ILE A 72 -19.00 4.23 -21.86
C ILE A 72 -18.65 3.34 -20.68
N MET A 73 -19.64 2.62 -20.15
CA MET A 73 -19.40 1.70 -19.06
C MET A 73 -18.65 0.46 -19.54
N VAL A 74 -19.14 -0.15 -20.61
CA VAL A 74 -18.53 -1.39 -21.12
C VAL A 74 -17.22 -1.11 -21.85
N ARG A 75 -17.10 0.08 -22.45
CA ARG A 75 -15.89 0.47 -23.15
C ARG A 75 -14.73 0.63 -22.18
N HIS A 76 -14.93 1.46 -21.16
CA HIS A 76 -13.90 1.71 -20.17
C HIS A 76 -13.59 0.47 -19.33
N LEU A 77 -14.60 -0.35 -19.08
CA LEU A 77 -14.42 -1.55 -18.28
C LEU A 77 -13.64 -2.62 -19.06
N ALA A 78 -13.82 -2.65 -20.37
CA ALA A 78 -13.08 -3.57 -21.22
C ALA A 78 -11.63 -3.12 -21.36
N GLN A 79 -11.45 -1.82 -21.61
CA GLN A 79 -10.12 -1.24 -21.76
C GLN A 79 -9.27 -1.42 -20.50
N SER A 80 -9.93 -1.42 -19.35
CA SER A 80 -9.25 -1.60 -18.08
C SER A 80 -8.90 -3.07 -17.84
N LEU A 81 -9.76 -3.97 -18.31
CA LEU A 81 -9.52 -5.40 -18.17
C LEU A 81 -8.54 -5.89 -19.23
N ALA A 82 -8.38 -5.11 -20.29
CA ALA A 82 -7.46 -5.46 -21.36
C ALA A 82 -6.02 -5.19 -20.92
N ARG A 83 -5.73 -3.93 -20.64
CA ARG A 83 -4.40 -3.49 -20.18
C ARG A 83 -3.90 -4.33 -19.00
N ALA A 84 -4.80 -4.62 -18.06
CA ALA A 84 -4.44 -5.40 -16.88
C ALA A 84 -4.09 -6.84 -17.24
N THR A 85 -4.81 -7.39 -18.20
CA THR A 85 -4.61 -8.78 -18.62
C THR A 85 -3.38 -8.94 -19.52
N SER A 86 -3.19 -7.99 -20.41
CA SER A 86 -2.14 -8.09 -21.43
C SER A 86 -0.75 -7.76 -20.95
N ILE A 87 -0.66 -6.87 -19.96
CA ILE A 87 0.62 -6.32 -19.51
C ILE A 87 1.69 -7.36 -19.18
N GLU A 88 1.35 -8.31 -18.31
CA GLU A 88 2.30 -9.34 -17.89
C GLU A 88 2.77 -10.31 -19.00
N PRO A 89 1.83 -10.98 -19.68
CA PRO A 89 2.28 -11.97 -20.68
C PRO A 89 2.94 -11.34 -21.91
N LEU A 90 2.55 -10.12 -22.25
CA LEU A 90 3.11 -9.43 -23.41
C LEU A 90 4.62 -9.24 -23.22
N LYS A 91 5.00 -8.62 -22.11
CA LYS A 91 6.39 -8.35 -21.81
C LYS A 91 7.20 -9.65 -21.73
N GLU A 92 6.67 -10.62 -20.97
CA GLU A 92 7.32 -11.91 -20.82
C GLU A 92 7.54 -12.59 -22.16
N GLY A 93 6.59 -12.40 -23.08
CA GLY A 93 6.72 -12.92 -24.42
C GLY A 93 7.65 -12.06 -25.25
N ILE A 94 7.57 -10.74 -25.07
CA ILE A 94 8.39 -9.80 -25.83
C ILE A 94 9.88 -10.05 -25.59
N ARG A 95 10.23 -10.42 -24.37
CA ARG A 95 11.61 -10.74 -24.03
C ARG A 95 11.97 -12.14 -24.50
N SER A 96 11.04 -13.08 -24.35
CA SER A 96 11.26 -14.48 -24.74
C SER A 96 11.51 -14.62 -26.24
N THR A 97 10.82 -13.80 -27.03
CA THR A 97 10.98 -13.83 -28.48
C THR A 97 12.17 -12.98 -28.91
N MET A 98 12.67 -12.16 -27.98
CA MET A 98 13.85 -11.33 -28.25
C MET A 98 15.15 -12.11 -28.11
N GLN A 99 15.25 -12.94 -27.07
CA GLN A 99 16.46 -13.71 -26.80
C GLN A 99 16.65 -14.83 -27.81
N SER A 100 15.55 -15.38 -28.31
CA SER A 100 15.59 -16.46 -29.28
C SER A 100 16.23 -16.01 -30.59
N LEU A 101 15.81 -14.83 -31.07
CA LEU A 101 16.35 -14.26 -32.29
C LEU A 101 17.37 -13.18 -31.98
N GLU A 115 18.90 -4.91 -19.33
CA GLU A 115 18.70 -3.61 -19.97
C GLU A 115 17.42 -3.61 -20.79
N LEU A 116 16.98 -4.80 -21.20
CA LEU A 116 15.79 -4.95 -22.03
C LEU A 116 14.55 -4.29 -21.43
N ASP A 117 14.26 -4.59 -20.17
CA ASP A 117 13.07 -4.09 -19.49
C ASP A 117 12.97 -2.56 -19.53
N THR A 118 14.13 -1.90 -19.47
CA THR A 118 14.16 -0.44 -19.51
C THR A 118 13.67 0.10 -20.85
N ALA A 119 14.01 -0.60 -21.93
CA ALA A 119 13.63 -0.18 -23.27
C ALA A 119 12.16 -0.45 -23.58
N ILE A 120 11.70 -1.67 -23.29
CA ILE A 120 10.36 -2.09 -23.65
C ILE A 120 9.26 -1.38 -22.85
N ASN A 121 9.54 -1.09 -21.58
CA ASN A 121 8.56 -0.44 -20.71
C ASN A 121 8.23 0.97 -21.16
N GLU A 122 9.11 1.56 -21.95
CA GLU A 122 8.84 2.85 -22.56
C GLU A 122 7.90 2.69 -23.75
N ASN A 123 8.14 1.66 -24.55
CA ASN A 123 7.38 1.44 -25.77
C ASN A 123 6.24 0.43 -25.68
N ILE A 124 6.00 -0.12 -24.49
CA ILE A 124 4.91 -1.08 -24.30
C ILE A 124 3.55 -0.38 -24.38
N GLY A 125 3.56 0.95 -24.36
CA GLY A 125 2.34 1.72 -24.45
C GLY A 125 1.55 1.50 -25.73
N ILE A 126 2.26 1.49 -26.86
CA ILE A 126 1.64 1.28 -28.17
C ILE A 126 0.96 -0.07 -28.25
N ALA A 127 1.71 -1.13 -27.96
CA ALA A 127 1.18 -2.50 -28.00
C ALA A 127 -0.06 -2.64 -27.14
N LEU A 128 -0.03 -2.05 -25.96
CA LEU A 128 -1.18 -2.07 -25.06
C LEU A 128 -2.38 -1.35 -25.65
N VAL A 129 -2.15 -0.23 -26.33
CA VAL A 129 -3.24 0.59 -26.88
C VAL A 129 -4.02 -0.13 -27.97
N LEU A 130 -3.37 -1.08 -28.64
CA LEU A 130 -4.02 -1.85 -29.69
C LEU A 130 -4.94 -2.92 -29.10
N ILE A 131 -4.43 -3.63 -28.10
CA ILE A 131 -5.21 -4.66 -27.42
C ILE A 131 -6.39 -4.03 -26.67
N GLU A 132 -6.23 -2.76 -26.33
CA GLU A 132 -7.31 -1.99 -25.70
C GLU A 132 -8.36 -1.63 -26.74
N LYS A 133 -7.94 -0.85 -27.73
CA LYS A 133 -8.79 -0.40 -28.82
C LYS A 133 -9.59 -1.55 -29.45
N ALA A 134 -8.93 -2.69 -29.63
CA ALA A 134 -9.59 -3.87 -30.21
C ALA A 134 -10.64 -4.45 -29.28
N SER A 135 -10.25 -4.69 -28.03
CA SER A 135 -11.16 -5.27 -27.04
C SER A 135 -12.32 -4.32 -26.70
N MET A 136 -12.12 -3.03 -26.97
CA MET A 136 -13.17 -2.03 -26.77
C MET A 136 -14.24 -2.09 -27.86
N ASP A 137 -13.79 -2.12 -29.11
CA ASP A 137 -14.70 -2.09 -30.26
C ASP A 137 -15.57 -3.33 -30.38
N LYS A 138 -15.00 -4.49 -30.07
CA LYS A 138 -15.76 -5.74 -30.10
C LYS A 138 -16.74 -5.78 -28.92
N SER A 139 -16.40 -5.05 -27.86
CA SER A 139 -17.28 -4.94 -26.70
C SER A 139 -18.47 -4.05 -26.99
N THR A 140 -18.22 -2.92 -27.64
CA THR A 140 -19.28 -2.01 -28.05
C THR A 140 -20.20 -2.68 -29.07
N GLN A 141 -19.66 -3.67 -29.77
CA GLN A 141 -20.41 -4.41 -30.78
C GLN A 141 -21.30 -5.48 -30.15
N ASP A 142 -20.67 -6.45 -29.49
CA ASP A 142 -21.38 -7.55 -28.85
C ASP A 142 -22.47 -7.09 -27.90
N LEU A 143 -22.28 -5.94 -27.27
CA LEU A 143 -23.28 -5.37 -26.37
C LEU A 143 -24.50 -4.88 -27.16
N ALA A 144 -24.24 -4.09 -28.19
CA ALA A 144 -25.29 -3.50 -29.00
C ALA A 144 -26.22 -4.55 -29.60
N ASP A 145 -25.67 -5.72 -29.90
CA ASP A 145 -26.46 -6.83 -30.40
C ASP A 145 -27.27 -7.48 -29.28
N GLN A 146 -26.71 -7.48 -28.08
CA GLN A 146 -27.40 -8.07 -26.92
C GLN A 146 -28.32 -7.07 -26.22
N LEU A 147 -28.20 -5.80 -26.56
CA LEU A 147 -29.09 -4.77 -26.00
C LEU A 147 -30.28 -4.53 -26.91
N MET A 148 -30.31 -5.24 -28.04
CA MET A 148 -31.33 -5.03 -29.07
C MET A 148 -32.76 -5.24 -28.54
N GLN A 149 -32.99 -6.38 -27.89
CA GLN A 149 -34.31 -6.69 -27.34
C GLN A 149 -34.69 -5.67 -26.27
N ALA A 150 -33.72 -5.26 -25.47
CA ALA A 150 -33.96 -4.29 -24.40
C ALA A 150 -34.15 -2.89 -24.97
N ILE A 151 -33.52 -2.62 -26.11
CA ILE A 151 -33.66 -1.33 -26.78
C ILE A 151 -34.97 -1.27 -27.56
N ALA A 152 -35.41 -2.43 -28.06
CA ALA A 152 -36.63 -2.51 -28.86
C ALA A 152 -37.89 -2.47 -28.02
N ILE A 153 -37.87 -3.19 -26.89
CA ILE A 153 -39.04 -3.28 -26.01
C ILE A 153 -39.41 -1.93 -25.42
N ARG A 154 -38.47 -0.98 -25.49
CA ARG A 154 -38.72 0.38 -25.02
C ARG A 154 -39.22 1.26 -26.15
N ARG A 155 -38.97 0.83 -27.39
CA ARG A 155 -39.44 1.57 -28.56
C ARG A 155 -40.94 1.41 -28.72
N TYR A 156 -41.42 0.18 -28.52
CA TYR A 156 -42.85 -0.10 -28.55
C TYR A 156 -43.55 0.66 -27.44
N HIS A 157 -43.00 0.54 -26.23
CA HIS A 157 -43.58 1.19 -25.06
C HIS A 157 -43.47 2.71 -25.16
N LYS A 158 -42.59 3.21 -26.03
CA LYS A 158 -42.49 4.65 -26.24
C LYS A 158 -43.58 5.14 -27.19
N GLU A 159 -43.78 4.41 -28.27
CA GLU A 159 -44.73 4.80 -29.31
C GLU A 159 -46.18 4.47 -28.96
N ARG A 160 -46.39 3.27 -28.42
CA ARG A 160 -47.75 2.78 -28.20
C ARG A 160 -48.42 3.40 -26.97
N ARG A 161 -47.69 3.45 -25.86
CA ARG A 161 -48.23 4.02 -24.62
C ARG A 161 -47.28 5.06 -24.04
N ALA A 162 -47.70 6.33 -24.06
CA ALA A 162 -46.79 7.42 -23.73
C ALA A 162 -46.79 7.82 -22.25
N ASP A 163 -47.90 8.37 -21.78
CA ASP A 163 -48.00 8.91 -20.42
C ASP A 163 -47.89 7.84 -19.33
N GLN A 164 -47.91 6.58 -19.74
CA GLN A 164 -47.88 5.46 -18.79
C GLN A 164 -46.52 5.30 -18.10
N PRO A 165 -46.51 4.66 -16.91
CA PRO A 165 -45.26 4.33 -16.21
C PRO A 165 -44.43 3.32 -16.99
N PHE A 166 -43.16 3.16 -16.64
CA PHE A 166 -42.25 2.41 -17.48
C PHE A 166 -41.85 1.02 -16.98
N ILE A 167 -41.86 0.06 -17.91
CA ILE A 167 -41.23 -1.26 -17.75
C ILE A 167 -41.65 -2.08 -16.52
N THR A 168 -40.72 -2.31 -15.60
CA THR A 168 -40.77 -3.42 -14.65
C THR A 168 -40.88 -4.71 -15.47
N GLN A 169 -39.82 -4.98 -16.23
CA GLN A 169 -39.83 -6.06 -17.21
C GLN A 169 -39.98 -7.43 -16.57
N ASN A 170 -39.11 -7.74 -15.62
CA ASN A 170 -39.15 -9.03 -14.95
C ASN A 170 -39.25 -8.90 -13.43
N THR A 171 -38.16 -8.45 -12.82
CA THR A 171 -38.10 -8.41 -11.36
C THR A 171 -37.51 -7.13 -10.77
N ASN A 172 -38.32 -6.45 -9.96
CA ASN A 172 -37.81 -5.46 -9.03
C ASN A 172 -38.55 -5.58 -7.69
N PRO A 173 -38.47 -6.76 -7.05
CA PRO A 173 -39.26 -7.00 -5.84
C PRO A 173 -38.80 -6.19 -4.63
N TYR A 174 -37.49 -6.11 -4.42
CA TYR A 174 -36.95 -5.42 -3.24
C TYR A 174 -36.62 -3.97 -3.55
N SER A 175 -36.68 -3.61 -4.83
CA SER A 175 -36.43 -2.24 -5.24
C SER A 175 -37.75 -1.48 -5.30
N LEU A 176 -38.83 -2.16 -4.93
CA LEU A 176 -40.13 -1.53 -4.81
C LEU A 176 -40.19 -0.68 -3.54
N SER A 177 -39.11 -0.77 -2.76
CA SER A 177 -39.00 -0.01 -1.52
C SER A 177 -38.96 1.49 -1.76
N LEU A 178 -39.35 2.23 -0.74
CA LEU A 178 -39.49 3.70 -0.80
C LEU A 178 -38.27 4.62 -1.01
N PRO A 179 -37.09 4.28 -0.43
CA PRO A 179 -36.18 5.35 0.02
C PRO A 179 -35.62 6.32 -1.03
N GLU A 180 -34.80 7.23 -0.53
CA GLU A 180 -34.24 8.35 -1.29
C GLU A 180 -33.35 7.85 -2.44
N PRO A 181 -32.77 8.74 -3.27
CA PRO A 181 -32.22 8.17 -4.51
C PRO A 181 -31.02 7.23 -4.37
N LEU A 182 -31.19 6.18 -3.57
CA LEU A 182 -30.35 5.00 -3.67
C LEU A 182 -31.11 3.95 -4.48
N GLY A 183 -32.30 4.29 -4.95
CA GLY A 183 -33.18 3.30 -5.53
C GLY A 183 -34.04 3.79 -6.69
N LEU A 184 -34.72 2.84 -7.32
CA LEU A 184 -35.45 3.09 -8.58
C LEU A 184 -36.67 4.00 -8.43
N LYS A 185 -36.77 4.98 -9.33
CA LYS A 185 -37.89 5.90 -9.35
C LYS A 185 -38.73 5.70 -10.61
N GLY A 188 -41.24 6.68 -12.27
CA GLY A 188 -40.90 8.00 -12.76
C GLY A 188 -39.81 7.96 -13.82
N VAL A 189 -38.58 8.22 -13.40
CA VAL A 189 -37.44 8.20 -14.30
C VAL A 189 -36.15 8.21 -13.46
N THR A 190 -34.99 8.13 -14.12
CA THR A 190 -33.72 8.22 -13.41
C THR A 190 -33.32 9.69 -13.26
N PRO A 191 -33.13 10.13 -12.00
CA PRO A 191 -32.81 11.54 -11.74
C PRO A 191 -31.46 11.93 -12.33
N GLN A 192 -31.25 13.23 -12.53
CA GLN A 192 -30.02 13.72 -13.15
C GLN A 192 -28.78 13.32 -12.37
N GLN A 193 -28.94 13.14 -11.06
CA GLN A 193 -27.84 12.72 -10.21
C GLN A 193 -27.51 11.25 -10.41
N PHE A 194 -28.54 10.42 -10.44
CA PHE A 194 -28.36 8.98 -10.65
C PHE A 194 -27.80 8.70 -12.03
N ARG A 195 -28.20 9.51 -13.01
CA ARG A 195 -27.70 9.37 -14.37
C ARG A 195 -26.30 9.94 -14.50
N VAL A 196 -25.91 10.76 -13.52
CA VAL A 196 -24.57 11.35 -13.52
C VAL A 196 -23.52 10.35 -13.02
N TYR A 197 -23.96 9.42 -12.18
CA TYR A 197 -23.07 8.40 -11.63
C TYR A 197 -22.48 7.53 -12.74
N GLU A 198 -23.32 7.06 -13.64
CA GLU A 198 -22.87 6.23 -14.74
C GLU A 198 -22.42 7.09 -15.93
N GLU A 199 -22.58 8.40 -15.79
CA GLU A 199 -22.15 9.33 -16.83
C GLU A 199 -20.64 9.54 -16.76
N PHE A 200 -20.08 9.30 -15.59
CA PHE A 200 -18.64 9.46 -15.39
C PHE A 200 -18.04 8.22 -14.72
N GLY A 201 -17.14 7.55 -15.43
CA GLY A 201 -16.52 6.35 -14.91
C GLY A 201 -17.50 5.21 -14.72
N ASP B 50 -31.09 1.27 11.62
CA ASP B 50 -31.21 1.39 10.16
C ASP B 50 -30.70 2.72 9.62
N PRO B 51 -31.27 3.86 10.08
CA PRO B 51 -30.91 5.03 9.29
C PRO B 51 -29.63 5.74 9.71
N ASN B 52 -28.56 4.99 9.97
CA ASN B 52 -27.22 5.51 9.75
C ASN B 52 -26.63 4.86 8.50
N VAL B 53 -27.33 3.85 7.99
CA VAL B 53 -26.87 3.06 6.85
C VAL B 53 -27.16 3.75 5.53
N TYR B 54 -28.38 4.25 5.38
CA TYR B 54 -28.81 4.93 4.17
C TYR B 54 -27.88 6.09 3.82
N HIS B 55 -27.46 6.84 4.83
CA HIS B 55 -26.58 7.97 4.61
C HIS B 55 -25.20 7.52 4.14
N TRP B 56 -24.69 6.43 4.70
CA TRP B 56 -23.39 5.91 4.30
C TRP B 56 -23.42 5.36 2.87
N ILE B 57 -24.46 4.58 2.56
CA ILE B 57 -24.63 4.05 1.21
C ILE B 57 -24.74 5.18 0.20
N CYS B 58 -25.47 6.23 0.58
CA CYS B 58 -25.59 7.42 -0.26
C CYS B 58 -24.22 8.05 -0.51
N GLN B 59 -23.43 8.14 0.56
CA GLN B 59 -22.08 8.68 0.45
C GLN B 59 -21.22 7.83 -0.47
N LEU B 60 -21.31 6.51 -0.31
CA LEU B 60 -20.57 5.56 -1.13
C LEU B 60 -20.81 5.78 -2.63
N THR B 61 -22.06 6.09 -2.98
CA THR B 61 -22.42 6.33 -4.37
C THR B 61 -22.04 7.73 -4.82
N TYR B 62 -22.23 8.71 -3.94
CA TYR B 62 -21.99 10.11 -4.28
C TYR B 62 -21.06 10.81 -3.31
N GLY B 63 -21.48 10.87 -2.04
CA GLY B 63 -20.83 11.68 -1.03
C GLY B 63 -19.32 11.55 -0.95
N PRO B 64 -18.63 12.70 -0.87
CA PRO B 64 -17.19 12.86 -1.11
C PRO B 64 -16.28 11.89 -0.36
N GLN B 65 -16.49 11.69 0.94
CA GLN B 65 -15.61 10.83 1.72
C GLN B 65 -15.55 9.41 1.16
N LYS B 66 -16.62 8.66 1.39
CA LYS B 66 -16.89 7.38 0.73
C LYS B 66 -15.90 6.25 1.03
N GLU B 67 -14.72 6.61 1.54
CA GLU B 67 -13.80 5.60 2.07
C GLU B 67 -14.15 5.31 3.53
N GLN B 68 -14.57 6.36 4.23
CA GLN B 68 -15.06 6.25 5.59
C GLN B 68 -16.33 5.40 5.57
N ALA B 69 -17.21 5.72 4.62
CA ALA B 69 -18.45 4.98 4.45
C ALA B 69 -18.14 3.52 4.15
N LEU B 70 -17.20 3.30 3.25
CA LEU B 70 -16.74 1.96 2.90
C LEU B 70 -16.24 1.25 4.15
N LEU B 71 -15.50 1.99 4.98
CA LEU B 71 -15.00 1.50 6.25
C LEU B 71 -16.14 1.20 7.23
N GLU B 72 -17.08 2.15 7.34
CA GLU B 72 -18.18 2.01 8.28
C GLU B 72 -19.11 0.86 7.91
N LEU B 73 -19.57 0.86 6.67
CA LEU B 73 -20.48 -0.18 6.18
C LEU B 73 -19.86 -1.55 6.29
N GLY B 74 -18.55 -1.63 6.10
CA GLY B 74 -17.82 -2.89 6.23
C GLY B 74 -17.85 -3.40 7.66
N ARG B 75 -17.85 -2.48 8.60
CA ARG B 75 -17.86 -2.84 10.02
C ARG B 75 -19.23 -3.34 10.47
N LYS B 76 -20.29 -2.80 9.87
CA LYS B 76 -21.65 -3.14 10.25
C LYS B 76 -22.22 -4.27 9.40
N ARG B 77 -21.40 -4.83 8.53
CA ARG B 77 -21.83 -5.85 7.58
C ARG B 77 -22.26 -7.18 8.21
N GLU B 78 -22.03 -7.33 9.51
CA GLU B 78 -22.27 -8.60 10.18
C GLU B 78 -23.65 -8.71 10.86
N GLN B 79 -24.46 -7.67 10.76
CA GLN B 79 -25.73 -7.64 11.51
C GLN B 79 -26.97 -7.43 10.64
N PHE B 80 -28.13 -7.72 11.24
CA PHE B 80 -29.45 -7.56 10.62
C PHE B 80 -29.79 -8.63 9.57
N ASP B 81 -28.80 -9.46 9.22
CA ASP B 81 -28.97 -10.49 8.21
C ASP B 81 -29.52 -9.91 6.90
N ASP B 82 -29.13 -8.68 6.62
CA ASP B 82 -29.67 -7.89 5.52
C ASP B 82 -28.58 -7.01 4.94
N LEU B 83 -28.99 -6.05 4.11
CA LEU B 83 -28.10 -5.08 3.45
C LEU B 83 -27.35 -5.69 2.28
N ALA B 84 -27.32 -7.02 2.21
CA ALA B 84 -26.76 -7.70 1.04
C ALA B 84 -27.67 -7.39 -0.14
N VAL B 85 -28.96 -7.65 0.07
CA VAL B 85 -29.98 -7.30 -0.90
C VAL B 85 -30.03 -5.79 -1.12
N VAL B 86 -29.95 -5.03 -0.01
CA VAL B 86 -29.97 -3.58 -0.09
C VAL B 86 -28.81 -3.05 -0.91
N LEU B 87 -27.65 -3.70 -0.82
CA LEU B 87 -26.49 -3.29 -1.61
C LEU B 87 -26.71 -3.54 -3.10
N TRP B 88 -27.25 -4.71 -3.43
CA TRP B 88 -27.52 -5.08 -4.82
C TRP B 88 -28.67 -4.27 -5.40
N SER B 89 -29.80 -4.27 -4.69
CA SER B 89 -31.02 -3.64 -5.18
C SER B 89 -30.87 -2.13 -5.32
N SER B 90 -30.02 -1.54 -4.49
CA SER B 90 -29.80 -0.10 -4.56
C SER B 90 -29.17 0.32 -5.88
N PHE B 91 -29.55 1.49 -6.37
CA PHE B 91 -28.99 2.01 -7.61
C PHE B 91 -27.57 2.54 -7.41
N GLY B 92 -26.71 2.26 -8.39
CA GLY B 92 -25.39 2.85 -8.44
C GLY B 92 -24.36 2.24 -7.51
N VAL B 93 -24.80 1.39 -6.59
CA VAL B 93 -23.89 0.77 -5.62
C VAL B 93 -22.90 -0.18 -6.28
N MET B 94 -23.42 -1.14 -7.03
CA MET B 94 -22.58 -2.15 -7.67
C MET B 94 -21.60 -1.53 -8.66
N THR B 95 -22.08 -0.56 -9.43
CA THR B 95 -21.23 0.18 -10.36
C THR B 95 -20.13 0.90 -9.59
N SER B 96 -20.49 1.48 -8.45
CA SER B 96 -19.54 2.21 -7.62
C SER B 96 -18.52 1.27 -6.96
N LEU B 97 -19.00 0.19 -6.37
CA LEU B 97 -18.14 -0.80 -5.74
C LEU B 97 -17.15 -1.39 -6.74
N LEU B 98 -17.61 -1.56 -7.98
CA LEU B 98 -16.75 -2.06 -9.03
C LEU B 98 -15.74 -1.00 -9.47
N ASN B 99 -16.11 0.27 -9.30
CA ASN B 99 -15.23 1.38 -9.67
C ASN B 99 -14.07 1.54 -8.69
N GLU B 100 -14.32 1.20 -7.42
CA GLU B 100 -13.27 1.21 -6.40
C GLU B 100 -12.20 0.19 -6.74
N ILE B 101 -12.64 -0.98 -7.21
CA ILE B 101 -11.75 -2.07 -7.56
C ILE B 101 -10.89 -1.76 -8.79
N ILE B 102 -11.53 -1.28 -9.85
CA ILE B 102 -10.84 -1.05 -11.12
C ILE B 102 -9.88 0.14 -11.08
N SER B 103 -9.89 0.89 -9.97
CA SER B 103 -8.98 2.00 -9.79
C SER B 103 -7.64 1.53 -9.23
N VAL B 104 -7.59 0.26 -8.84
CA VAL B 104 -6.37 -0.31 -8.25
C VAL B 104 -5.51 -1.01 -9.31
N TYR B 105 -5.99 -1.05 -10.55
CA TYR B 105 -5.27 -1.74 -11.63
C TYR B 105 -3.88 -1.17 -11.99
N PRO B 106 -3.76 0.16 -12.16
CA PRO B 106 -2.42 0.68 -12.46
C PRO B 106 -1.47 0.51 -11.27
N MET B 107 -2.03 0.40 -10.07
CA MET B 107 -1.25 0.22 -8.85
C MET B 107 -0.76 -1.21 -8.69
N LEU B 108 -1.13 -2.08 -9.61
CA LEU B 108 -0.75 -3.50 -9.55
C LEU B 108 0.66 -3.74 -10.09
N GLN B 109 1.32 -2.68 -10.55
CA GLN B 109 2.70 -2.80 -11.03
C GLN B 109 3.72 -3.19 -9.96
N PRO B 110 3.63 -2.60 -8.75
CA PRO B 110 4.46 -3.16 -7.68
C PRO B 110 3.91 -4.49 -7.17
N SER B 114 0.49 -1.47 -1.74
CA SER B 114 1.09 -0.16 -1.58
C SER B 114 0.86 0.41 -0.18
N ASN B 115 -0.28 1.06 -0.01
CA ASN B 115 -0.66 1.73 1.23
C ASN B 115 -2.18 1.84 1.34
N ASN B 116 -2.66 2.75 2.18
CA ASN B 116 -4.08 2.82 2.56
C ASN B 116 -5.08 2.64 1.40
N LEU B 117 -4.66 3.00 0.19
CA LEU B 117 -5.39 2.63 -1.02
C LEU B 117 -5.70 1.13 -1.02
N SER B 118 -4.75 0.32 -0.57
CA SER B 118 -4.97 -1.12 -0.46
C SER B 118 -5.96 -1.45 0.63
N ASN B 119 -6.03 -0.59 1.64
CA ASN B 119 -7.01 -0.76 2.72
C ASN B 119 -8.41 -0.37 2.26
N ARG B 120 -8.48 0.67 1.44
CA ARG B 120 -9.74 1.14 0.88
C ARG B 120 -10.42 0.08 0.03
N VAL B 121 -9.69 -0.43 -0.96
CA VAL B 121 -10.23 -1.45 -1.85
C VAL B 121 -10.56 -2.75 -1.10
N CYS B 122 -9.76 -3.07 -0.09
CA CYS B 122 -10.02 -4.24 0.74
C CYS B 122 -11.36 -4.14 1.45
N ASN B 123 -11.75 -2.92 1.80
CA ASN B 123 -13.05 -2.67 2.42
C ASN B 123 -14.20 -2.86 1.43
N ALA B 124 -13.95 -2.54 0.17
CA ALA B 124 -14.94 -2.78 -0.87
C ALA B 124 -15.05 -4.27 -1.13
N LEU B 125 -13.95 -4.98 -0.90
CA LEU B 125 -13.89 -6.42 -1.11
C LEU B 125 -14.74 -7.21 -0.11
N VAL B 126 -14.68 -6.83 1.16
CA VAL B 126 -15.52 -7.47 2.16
C VAL B 126 -17.00 -7.14 1.91
N LEU B 127 -17.25 -5.94 1.40
CA LEU B 127 -18.60 -5.56 1.00
C LEU B 127 -19.13 -6.51 -0.08
N LEU B 128 -18.29 -6.82 -1.06
CA LEU B 128 -18.64 -7.77 -2.10
C LEU B 128 -18.72 -9.17 -1.50
N GLN B 129 -17.89 -9.43 -0.49
CA GLN B 129 -17.93 -10.70 0.22
C GLN B 129 -19.23 -10.83 0.99
N CYS B 130 -19.81 -9.69 1.39
CA CYS B 130 -21.10 -9.69 2.06
C CYS B 130 -22.23 -9.96 1.08
N VAL B 131 -22.12 -9.38 -0.12
CA VAL B 131 -23.07 -9.62 -1.19
C VAL B 131 -23.08 -11.11 -1.55
N ALA B 132 -21.87 -11.65 -1.71
CA ALA B 132 -21.71 -13.08 -1.89
C ALA B 132 -22.10 -13.80 -0.60
N SER B 133 -22.39 -15.09 -0.71
CA SER B 133 -22.84 -15.92 0.41
C SER B 133 -24.26 -15.58 0.90
N HIS B 134 -24.85 -14.54 0.32
CA HIS B 134 -26.24 -14.20 0.56
C HIS B 134 -27.09 -14.75 -0.58
N PRO B 135 -27.99 -15.71 -0.24
CA PRO B 135 -28.75 -16.52 -1.20
C PRO B 135 -29.46 -15.70 -2.27
N GLU B 136 -30.05 -14.58 -1.86
CA GLU B 136 -30.74 -13.71 -2.81
C GLU B 136 -29.77 -13.08 -3.80
N THR B 137 -28.67 -12.53 -3.29
CA THR B 137 -27.72 -11.81 -4.12
C THR B 137 -26.57 -12.65 -4.66
N LYS B 138 -26.41 -13.88 -4.16
CA LYS B 138 -25.27 -14.70 -4.57
C LYS B 138 -25.27 -15.07 -6.04
N HIS B 139 -26.36 -15.70 -6.48
CA HIS B 139 -26.45 -16.16 -7.87
C HIS B 139 -26.60 -14.99 -8.84
N LEU B 140 -27.17 -13.89 -8.35
CA LEU B 140 -27.24 -12.66 -9.14
C LEU B 140 -25.83 -12.12 -9.35
N PHE B 141 -25.07 -12.05 -8.27
CA PHE B 141 -23.68 -11.61 -8.29
C PHE B 141 -22.86 -12.52 -9.21
N LEU B 142 -23.01 -13.82 -8.99
CA LEU B 142 -22.28 -14.82 -9.76
C LEU B 142 -22.55 -14.70 -11.25
N GLN B 143 -23.83 -14.73 -11.61
CA GLN B 143 -24.24 -14.66 -13.01
C GLN B 143 -23.97 -13.28 -13.64
N ALA B 144 -23.60 -12.32 -12.82
CA ALA B 144 -23.31 -10.98 -13.31
C ALA B 144 -21.83 -10.84 -13.68
N HIS B 145 -21.07 -11.93 -13.54
CA HIS B 145 -19.66 -11.95 -13.88
C HIS B 145 -18.81 -10.88 -13.18
N ILE B 146 -19.26 -10.46 -12.01
CA ILE B 146 -18.52 -9.53 -11.16
C ILE B 146 -17.22 -10.09 -10.52
N PRO B 147 -17.26 -11.33 -9.97
CA PRO B 147 -16.06 -11.80 -9.27
C PRO B 147 -14.84 -12.00 -10.16
N LEU B 148 -15.03 -12.06 -11.48
CA LEU B 148 -13.91 -12.27 -12.40
C LEU B 148 -12.94 -11.09 -12.43
N PHE B 149 -13.32 -10.01 -11.77
CA PHE B 149 -12.46 -8.83 -11.66
C PHE B 149 -11.47 -8.98 -10.51
N LEU B 150 -11.70 -10.00 -9.68
CA LEU B 150 -10.85 -10.24 -8.51
C LEU B 150 -9.64 -11.13 -8.82
N PHE B 151 -9.63 -11.75 -9.99
CA PHE B 151 -8.52 -12.61 -10.39
C PHE B 151 -7.18 -11.90 -10.64
N PRO B 152 -7.18 -10.74 -11.31
CA PRO B 152 -5.92 -9.99 -11.43
C PRO B 152 -5.31 -9.63 -10.07
N PHE B 153 -6.16 -9.40 -9.07
CA PHE B 153 -5.69 -9.20 -7.71
C PHE B 153 -4.99 -10.47 -7.22
N LEU B 154 -5.62 -11.61 -7.50
CA LEU B 154 -5.09 -12.89 -7.05
C LEU B 154 -3.84 -13.30 -7.83
N ASN B 155 -3.61 -12.66 -8.97
CA ASN B 155 -2.44 -12.93 -9.79
C ASN B 155 -1.16 -12.29 -9.24
N THR B 156 -1.33 -11.34 -8.33
CA THR B 156 -0.19 -10.62 -7.77
C THR B 156 0.73 -11.52 -6.96
N THR B 157 2.02 -11.51 -7.29
CA THR B 157 3.00 -12.35 -6.62
C THR B 157 3.70 -11.65 -5.45
N SER B 158 3.47 -10.34 -5.32
CA SER B 158 4.15 -9.55 -4.31
C SER B 158 3.84 -9.99 -2.88
N ARG B 159 4.89 -10.15 -2.07
CA ARG B 159 4.75 -10.69 -0.72
C ARG B 159 4.66 -9.61 0.36
N GLN B 160 4.64 -8.35 -0.05
CA GLN B 160 4.47 -7.24 0.89
C GLN B 160 3.16 -7.38 1.65
N ARG B 161 3.14 -6.89 2.89
CA ARG B 161 1.96 -6.99 3.75
C ARG B 161 0.69 -6.48 3.07
N THR B 162 0.85 -5.43 2.26
CA THR B 162 -0.26 -4.89 1.48
C THR B 162 -0.87 -5.92 0.55
N PHE B 163 -0.10 -6.35 -0.44
CA PHE B 163 -0.56 -7.34 -1.42
C PHE B 163 -0.96 -8.65 -0.74
N GLU B 164 -0.40 -8.91 0.43
CA GLU B 164 -0.78 -10.06 1.23
C GLU B 164 -2.21 -9.91 1.71
N TYR B 165 -2.56 -8.70 2.13
CA TYR B 165 -3.92 -8.41 2.57
C TYR B 165 -4.88 -8.34 1.39
N LEU B 166 -4.40 -7.79 0.28
CA LEU B 166 -5.19 -7.69 -0.94
C LEU B 166 -5.69 -9.06 -1.35
N ARG B 167 -4.76 -9.97 -1.63
CA ARG B 167 -5.09 -11.35 -1.96
C ARG B 167 -5.93 -12.03 -0.88
N LEU B 168 -5.61 -11.75 0.38
CA LEU B 168 -6.33 -12.36 1.50
C LEU B 168 -7.80 -11.94 1.52
N THR B 169 -8.06 -10.65 1.37
CA THR B 169 -9.43 -10.14 1.33
C THR B 169 -10.18 -10.66 0.11
N SER B 170 -9.53 -10.61 -1.04
CA SER B 170 -10.12 -11.08 -2.29
C SER B 170 -10.43 -12.57 -2.23
N LEU B 171 -9.55 -13.33 -1.59
CA LEU B 171 -9.76 -14.77 -1.42
C LEU B 171 -11.01 -15.04 -0.58
N GLY B 172 -11.29 -14.14 0.35
CA GLY B 172 -12.48 -14.26 1.19
C GLY B 172 -13.77 -14.23 0.39
N VAL B 173 -13.78 -13.45 -0.68
CA VAL B 173 -14.94 -13.35 -1.56
C VAL B 173 -15.26 -14.69 -2.21
N ILE B 174 -14.28 -15.24 -2.92
CA ILE B 174 -14.43 -16.51 -3.62
C ILE B 174 -14.69 -17.62 -2.62
N GLY B 175 -14.04 -17.55 -1.47
CA GLY B 175 -14.25 -18.51 -0.40
C GLY B 175 -15.67 -18.46 0.13
N ALA B 176 -16.21 -17.25 0.22
CA ALA B 176 -17.60 -17.08 0.64
C ALA B 176 -18.54 -17.52 -0.46
N LEU B 177 -18.10 -17.40 -1.70
CA LEU B 177 -18.91 -17.77 -2.86
C LEU B 177 -19.14 -19.28 -2.88
N VAL B 178 -18.18 -20.04 -2.37
CA VAL B 178 -18.32 -21.49 -2.29
C VAL B 178 -18.79 -21.96 -0.93
N LYS B 179 -19.01 -21.00 -0.02
CA LYS B 179 -19.38 -21.33 1.36
C LYS B 179 -20.77 -21.94 1.48
N ASN B 180 -21.70 -21.54 0.60
CA ASN B 180 -23.09 -21.97 0.70
C ASN B 180 -23.39 -23.26 -0.07
N ASP B 181 -22.35 -23.85 -0.65
CA ASP B 181 -22.47 -25.13 -1.36
C ASP B 181 -23.45 -25.09 -2.54
N SER B 182 -23.09 -24.37 -3.59
CA SER B 182 -23.89 -24.33 -4.80
C SER B 182 -23.07 -24.84 -6.00
N GLN B 183 -23.62 -25.79 -6.73
CA GLN B 183 -22.91 -26.45 -7.82
C GLN B 183 -22.63 -25.53 -9.01
N ASP B 184 -23.51 -24.57 -9.23
CA ASP B 184 -23.35 -23.62 -10.33
C ASP B 184 -22.13 -22.72 -10.12
N VAL B 185 -21.75 -22.52 -8.87
CA VAL B 185 -20.56 -21.76 -8.54
C VAL B 185 -19.32 -22.49 -9.02
N ILE B 186 -19.26 -23.78 -8.74
CA ILE B 186 -18.15 -24.63 -9.15
C ILE B 186 -17.92 -24.60 -10.65
N THR B 187 -18.96 -24.93 -11.41
CA THR B 187 -18.91 -24.97 -12.86
C THR B 187 -18.52 -23.60 -13.44
N PHE B 188 -18.81 -22.54 -12.69
CA PHE B 188 -18.37 -21.21 -13.10
C PHE B 188 -16.89 -21.00 -12.85
N LEU B 189 -16.42 -21.44 -11.68
CA LEU B 189 -15.03 -21.26 -11.30
C LEU B 189 -14.09 -22.06 -12.20
N LEU B 190 -14.49 -23.28 -12.56
CA LEU B 190 -13.66 -24.17 -13.37
C LEU B 190 -13.48 -23.64 -14.79
N ARG B 191 -14.27 -22.64 -15.16
CA ARG B 191 -14.11 -21.95 -16.44
C ARG B 191 -12.79 -21.20 -16.44
N THR B 192 -12.24 -20.97 -15.26
CA THR B 192 -11.10 -20.07 -15.09
C THR B 192 -9.92 -20.73 -14.39
N ASP B 193 -8.80 -20.01 -14.39
CA ASP B 193 -7.50 -20.53 -13.98
C ASP B 193 -7.31 -20.55 -12.46
N ILE B 194 -8.41 -20.30 -11.75
CA ILE B 194 -8.43 -20.30 -10.29
C ILE B 194 -7.69 -21.47 -9.61
N VAL B 195 -8.10 -22.70 -9.89
CA VAL B 195 -7.50 -23.88 -9.26
C VAL B 195 -5.96 -23.94 -9.34
N PRO B 196 -5.37 -23.69 -10.53
CA PRO B 196 -3.91 -23.57 -10.54
C PRO B 196 -3.40 -22.39 -9.72
N LEU B 197 -4.17 -21.30 -9.68
CA LEU B 197 -3.76 -20.10 -8.95
C LEU B 197 -3.79 -20.31 -7.44
N CYS B 198 -4.81 -21.02 -6.96
CA CYS B 198 -4.89 -21.37 -5.54
C CYS B 198 -3.69 -22.24 -5.15
N LEU B 199 -3.33 -23.17 -6.04
CA LEU B 199 -2.20 -24.06 -5.82
C LEU B 199 -0.90 -23.28 -5.63
N ARG B 200 -0.78 -22.16 -6.32
CA ARG B 200 0.36 -21.26 -6.12
C ARG B 200 0.35 -20.70 -4.70
N ILE B 201 -0.83 -20.32 -4.24
CA ILE B 201 -1.01 -19.76 -2.90
C ILE B 201 -0.77 -20.79 -1.80
N MET B 202 -1.24 -22.02 -2.02
CA MET B 202 -1.21 -23.06 -0.98
C MET B 202 0.18 -23.41 -0.48
N GLU B 203 1.17 -23.41 -1.37
CA GLU B 203 2.54 -23.76 -0.99
C GLU B 203 3.27 -22.59 -0.33
N SER B 204 3.09 -21.40 -0.88
CA SER B 204 3.85 -20.22 -0.45
C SER B 204 3.04 -19.23 0.39
N SER B 205 3.65 -18.09 0.67
CA SER B 205 3.03 -16.96 1.36
C SER B 205 2.59 -17.24 2.80
N SER B 206 1.36 -16.82 3.12
CA SER B 206 0.91 -16.80 4.51
C SER B 206 0.00 -17.96 4.89
N GLU B 207 0.13 -18.40 6.14
CA GLU B 207 -0.67 -19.51 6.66
C GLU B 207 -2.17 -19.19 6.61
N LEU B 208 -2.51 -17.91 6.75
CA LEU B 208 -3.90 -17.48 6.69
C LEU B 208 -4.48 -17.60 5.29
N SER B 209 -3.79 -17.03 4.31
CA SER B 209 -4.23 -17.09 2.92
C SER B 209 -4.22 -18.54 2.43
N LYS B 210 -3.27 -19.32 2.95
CA LYS B 210 -3.18 -20.73 2.63
C LYS B 210 -4.43 -21.47 3.13
N THR B 211 -4.87 -21.13 4.34
CA THR B 211 -6.04 -21.74 4.94
C THR B 211 -7.29 -21.48 4.11
N VAL B 212 -7.35 -20.29 3.49
CA VAL B 212 -8.46 -19.94 2.61
C VAL B 212 -8.34 -20.68 1.28
N ALA B 213 -7.11 -20.76 0.78
CA ALA B 213 -6.83 -21.41 -0.49
C ALA B 213 -7.20 -22.90 -0.48
N ILE B 214 -6.73 -23.61 0.55
CA ILE B 214 -7.03 -25.03 0.69
C ILE B 214 -8.53 -25.27 0.87
N PHE B 215 -9.22 -24.31 1.48
CA PHE B 215 -10.65 -24.41 1.69
C PHE B 215 -11.42 -24.36 0.37
N ILE B 216 -11.11 -23.36 -0.43
CA ILE B 216 -11.72 -23.21 -1.75
C ILE B 216 -11.54 -24.46 -2.59
N LEU B 217 -10.32 -25.01 -2.56
CA LEU B 217 -10.01 -26.23 -3.29
C LEU B 217 -10.84 -27.40 -2.77
N GLN B 218 -10.91 -27.53 -1.45
CA GLN B 218 -11.66 -28.61 -0.82
C GLN B 218 -13.13 -28.60 -1.26
N LYS B 219 -13.69 -27.40 -1.39
CA LYS B 219 -15.07 -27.25 -1.85
C LYS B 219 -15.23 -27.75 -3.28
N ILE B 220 -14.30 -27.37 -4.15
CA ILE B 220 -14.31 -27.80 -5.54
C ILE B 220 -14.18 -29.31 -5.66
N LEU B 221 -13.25 -29.88 -4.89
CA LEU B 221 -13.03 -31.32 -4.87
C LEU B 221 -14.27 -32.06 -4.36
N LEU B 222 -14.97 -31.44 -3.41
CA LEU B 222 -16.18 -32.02 -2.84
C LEU B 222 -17.25 -32.22 -3.92
N ASP B 223 -17.40 -31.25 -4.80
CA ASP B 223 -18.36 -31.35 -5.90
C ASP B 223 -17.92 -32.42 -6.88
N ASP B 224 -18.88 -33.05 -7.54
CA ASP B 224 -18.59 -34.12 -8.49
C ASP B 224 -18.01 -33.57 -9.79
N VAL B 225 -18.39 -32.36 -10.15
CA VAL B 225 -17.90 -31.72 -11.36
C VAL B 225 -16.47 -31.22 -11.17
N GLY B 226 -16.16 -30.76 -9.97
CA GLY B 226 -14.82 -30.28 -9.65
C GLY B 226 -13.83 -31.42 -9.56
N LEU B 227 -14.22 -32.51 -8.89
CA LEU B 227 -13.38 -33.70 -8.77
C LEU B 227 -13.12 -34.33 -10.15
N GLN B 228 -13.92 -33.93 -11.13
CA GLN B 228 -13.68 -34.36 -12.51
C GLN B 228 -12.63 -33.50 -13.21
N TYR B 229 -12.69 -32.18 -13.02
CA TYR B 229 -11.73 -31.27 -13.64
C TYR B 229 -10.32 -31.56 -13.12
N ILE B 230 -10.16 -31.48 -11.81
CA ILE B 230 -8.97 -31.99 -11.17
C ILE B 230 -9.10 -33.51 -11.30
N CYS B 231 -7.98 -34.22 -11.32
CA CYS B 231 -7.99 -35.68 -11.49
C CYS B 231 -8.60 -36.09 -12.83
N ALA B 232 -8.61 -35.17 -13.78
CA ALA B 232 -8.91 -35.50 -15.18
C ALA B 232 -7.66 -36.03 -15.86
N THR B 233 -6.55 -35.34 -15.60
CA THR B 233 -5.27 -35.66 -16.23
C THR B 233 -4.18 -35.83 -15.17
N LEU B 234 -3.06 -36.43 -15.57
CA LEU B 234 -1.93 -36.58 -14.66
C LEU B 234 -1.27 -35.23 -14.40
N GLU B 235 -1.34 -34.34 -15.37
CA GLU B 235 -0.79 -33.00 -15.24
C GLU B 235 -1.48 -32.23 -14.11
N ARG B 236 -2.80 -32.33 -14.06
CA ARG B 236 -3.60 -31.67 -13.03
C ARG B 236 -3.53 -32.40 -11.69
N PHE B 237 -3.54 -33.72 -11.74
CA PHE B 237 -3.47 -34.56 -10.54
C PHE B 237 -2.16 -34.29 -9.79
N TYR B 238 -1.04 -34.47 -10.47
CA TYR B 238 0.26 -34.29 -9.86
C TYR B 238 0.54 -32.83 -9.52
N ALA B 239 -0.27 -31.93 -10.06
CA ALA B 239 -0.17 -30.52 -9.72
C ALA B 239 -0.66 -30.28 -8.31
N VAL B 240 -1.77 -30.94 -7.96
CA VAL B 240 -2.36 -30.80 -6.63
C VAL B 240 -1.65 -31.64 -5.57
N THR B 241 -1.31 -32.87 -5.94
CA THR B 241 -0.69 -33.82 -5.01
C THR B 241 0.65 -33.32 -4.45
N ASN B 242 1.54 -32.90 -5.35
CA ASN B 242 2.85 -32.40 -4.97
C ASN B 242 2.78 -31.24 -3.97
N VAL B 243 1.84 -30.34 -4.19
CA VAL B 243 1.64 -29.19 -3.31
C VAL B 243 1.17 -29.67 -1.93
N LEU B 244 0.20 -30.58 -1.92
CA LEU B 244 -0.26 -31.18 -0.67
C LEU B 244 0.87 -31.94 0.01
N LYS B 245 1.67 -32.64 -0.79
CA LYS B 245 2.84 -33.34 -0.27
C LYS B 245 3.85 -32.36 0.31
N ASP B 246 4.03 -31.23 -0.38
CA ASP B 246 4.96 -30.19 0.08
C ASP B 246 4.53 -29.62 1.44
N MET B 247 3.26 -29.26 1.54
CA MET B 247 2.74 -28.64 2.76
C MET B 247 2.86 -29.54 3.99
N VAL B 248 2.66 -30.83 3.79
CA VAL B 248 2.75 -31.81 4.88
C VAL B 248 4.18 -31.89 5.45
N GLU B 249 5.16 -31.96 4.56
CA GLU B 249 6.55 -31.99 4.99
C GLU B 249 6.99 -30.63 5.50
N HIS B 250 6.55 -29.57 4.82
CA HIS B 250 6.91 -28.21 5.20
C HIS B 250 6.14 -27.73 6.43
N LEU B 251 5.20 -28.56 6.89
CA LEU B 251 4.39 -28.25 8.06
C LEU B 251 5.27 -28.05 9.29
N PRO B 257 -1.70 -26.50 17.18
CA PRO B 257 -2.89 -26.88 16.40
C PRO B 257 -3.11 -25.94 15.21
N GLY B 258 -3.58 -26.51 14.09
CA GLY B 258 -3.88 -25.72 12.91
C GLY B 258 -4.94 -26.38 12.05
N ARG B 259 -5.62 -25.57 11.25
CA ARG B 259 -6.69 -26.08 10.38
C ARG B 259 -6.16 -26.57 9.04
N LEU B 260 -4.91 -26.22 8.73
CA LEU B 260 -4.29 -26.59 7.47
C LEU B 260 -4.18 -28.10 7.30
N LEU B 261 -3.95 -28.80 8.41
CA LEU B 261 -3.82 -30.26 8.39
C LEU B 261 -5.17 -30.93 8.18
N LYS B 262 -6.20 -30.40 8.82
CA LYS B 262 -7.54 -30.97 8.73
C LYS B 262 -8.10 -30.90 7.31
N HIS B 263 -7.78 -29.82 6.61
CA HIS B 263 -8.25 -29.62 5.23
C HIS B 263 -7.47 -30.50 4.25
N ILE B 264 -6.18 -30.63 4.47
CA ILE B 264 -5.33 -31.48 3.63
C ILE B 264 -5.81 -32.94 3.67
N ILE B 265 -6.06 -33.44 4.87
CA ILE B 265 -6.61 -34.78 5.05
C ILE B 265 -7.95 -34.90 4.33
N ARG B 266 -8.75 -33.85 4.41
CA ARG B 266 -10.05 -33.82 3.74
C ARG B 266 -9.92 -33.93 2.23
N CYS B 267 -8.90 -33.28 1.69
CA CYS B 267 -8.66 -33.30 0.24
C CYS B 267 -8.21 -34.68 -0.25
N TYR B 268 -7.34 -35.33 0.51
CA TYR B 268 -6.89 -36.68 0.18
C TYR B 268 -8.05 -37.66 0.26
N LEU B 269 -8.84 -37.55 1.32
CA LEU B 269 -10.01 -38.40 1.52
C LEU B 269 -10.99 -38.22 0.37
N ARG B 270 -11.02 -37.02 -0.20
CA ARG B 270 -11.87 -36.73 -1.35
C ARG B 270 -11.31 -37.40 -2.60
N LEU B 271 -9.99 -37.29 -2.79
CA LEU B 271 -9.33 -37.90 -3.94
C LEU B 271 -9.31 -39.43 -3.81
N SER B 272 -9.57 -39.92 -2.61
CA SER B 272 -9.63 -41.36 -2.38
C SER B 272 -10.85 -41.98 -3.05
N ASP B 273 -11.84 -41.14 -3.36
CA ASP B 273 -13.07 -41.59 -4.01
C ASP B 273 -12.82 -42.12 -5.41
N ASP B 274 -12.14 -41.31 -6.24
CA ASP B 274 -11.79 -41.72 -7.61
C ASP B 274 -10.86 -42.92 -7.54
N LEU B 275 -11.22 -43.99 -8.23
CA LEU B 275 -10.44 -45.23 -8.22
C LEU B 275 -9.09 -45.05 -8.90
N GLU B 276 -9.10 -44.35 -10.04
CA GLU B 276 -7.87 -44.07 -10.77
C GLU B 276 -6.94 -43.22 -9.91
N ALA B 277 -7.53 -42.37 -9.08
CA ALA B 277 -6.77 -41.59 -8.12
C ALA B 277 -6.42 -42.45 -6.90
N ARG B 278 -7.33 -43.35 -6.53
CA ARG B 278 -7.11 -44.23 -5.39
C ARG B 278 -5.91 -45.15 -5.61
N ARG B 279 -5.66 -45.52 -6.86
CA ARG B 279 -4.52 -46.37 -7.19
C ARG B 279 -3.20 -45.61 -7.06
N LEU B 280 -3.13 -44.46 -7.72
CA LEU B 280 -1.92 -43.65 -7.74
C LEU B 280 -1.56 -43.12 -6.35
N LEU B 281 -2.58 -42.84 -5.55
CA LEU B 281 -2.36 -42.32 -4.20
C LEU B 281 -1.69 -43.34 -3.28
N LYS B 282 -1.86 -44.62 -3.58
CA LYS B 282 -1.24 -45.68 -2.79
C LYS B 282 0.27 -45.48 -2.71
N ILE B 283 0.89 -45.24 -3.85
CA ILE B 283 2.31 -44.94 -3.91
C ILE B 283 2.61 -43.47 -3.57
N VAL B 284 1.75 -42.57 -4.04
CA VAL B 284 2.01 -41.14 -3.95
C VAL B 284 1.58 -40.48 -2.64
N LEU B 285 1.03 -41.27 -1.72
CA LEU B 285 0.65 -40.75 -0.42
C LEU B 285 1.89 -40.37 0.38
N PRO B 286 1.88 -39.17 0.98
CA PRO B 286 2.99 -38.77 1.86
C PRO B 286 3.07 -39.72 3.06
N ALA B 287 4.28 -40.22 3.33
CA ALA B 287 4.46 -41.24 4.36
C ALA B 287 4.21 -40.68 5.76
N LYS B 288 4.31 -39.36 5.90
CA LYS B 288 4.08 -38.69 7.17
C LYS B 288 2.70 -39.00 7.75
N LEU B 289 1.70 -39.02 6.88
CA LEU B 289 0.33 -39.31 7.29
C LEU B 289 0.17 -40.76 7.71
N ARG B 290 0.80 -41.66 6.96
CA ARG B 290 0.79 -43.08 7.29
C ARG B 290 1.47 -43.32 8.63
N ASP B 291 2.44 -42.48 8.96
CA ASP B 291 3.13 -42.56 10.24
C ASP B 291 2.26 -42.00 11.36
N ASN B 292 2.77 -42.06 12.59
CA ASN B 292 2.06 -41.56 13.76
C ASN B 292 2.44 -40.12 14.12
N THR B 293 3.26 -39.51 13.28
CA THR B 293 3.79 -38.17 13.53
C THR B 293 2.72 -37.12 13.84
N PHE B 294 1.60 -37.18 13.13
CA PHE B 294 0.55 -36.17 13.28
C PHE B 294 -0.54 -36.56 14.28
N THR B 295 -0.38 -37.71 14.92
CA THR B 295 -1.39 -38.23 15.84
C THR B 295 -1.68 -37.32 17.02
N GLU B 296 -0.61 -36.85 17.68
CA GLU B 296 -0.74 -36.03 18.89
C GLU B 296 -1.60 -34.79 18.67
N VAL B 297 -1.36 -34.08 17.57
CA VAL B 297 -2.13 -32.89 17.25
C VAL B 297 -3.51 -33.24 16.71
N LEU B 298 -3.67 -34.49 16.29
CA LEU B 298 -4.94 -34.94 15.71
C LEU B 298 -5.88 -35.52 16.77
N ARG B 299 -5.40 -35.58 18.00
CA ARG B 299 -6.21 -36.09 19.10
C ARG B 299 -7.31 -35.11 19.48
N ASP B 300 -7.06 -33.84 19.25
CA ASP B 300 -8.01 -32.79 19.62
C ASP B 300 -9.13 -32.65 18.59
N ASP B 301 -8.90 -33.15 17.38
CA ASP B 301 -9.90 -33.08 16.32
C ASP B 301 -10.46 -34.46 15.99
N VAL B 302 -11.73 -34.67 16.30
CA VAL B 302 -12.37 -35.95 16.05
C VAL B 302 -12.62 -36.16 14.56
N GLY B 303 -13.20 -35.14 13.91
CA GLY B 303 -13.51 -35.21 12.50
C GLY B 303 -12.28 -35.44 11.64
N SER B 304 -11.19 -34.77 11.98
CA SER B 304 -9.93 -34.93 11.25
C SER B 304 -9.38 -36.34 11.41
N LYS B 305 -9.64 -36.94 12.58
CA LYS B 305 -9.17 -38.29 12.87
C LYS B 305 -9.98 -39.33 12.11
N ARG B 306 -11.30 -39.15 12.08
CA ARG B 306 -12.18 -40.09 11.39
C ARG B 306 -11.96 -40.08 9.89
N CYS B 307 -11.54 -38.92 9.36
CA CYS B 307 -11.26 -38.79 7.93
C CYS B 307 -9.92 -39.41 7.57
N LEU B 308 -8.92 -39.21 8.44
CA LEU B 308 -7.59 -39.76 8.20
C LEU B 308 -7.57 -41.27 8.32
N ALA B 309 -8.31 -41.80 9.30
CA ALA B 309 -8.40 -43.23 9.51
C ALA B 309 -9.06 -43.90 8.31
N GLN B 310 -10.14 -43.31 7.82
CA GLN B 310 -10.85 -43.82 6.66
C GLN B 310 -9.98 -43.74 5.41
N LEU B 311 -9.21 -42.66 5.30
CA LEU B 311 -8.31 -42.45 4.17
C LEU B 311 -7.29 -43.58 4.11
N LEU B 312 -6.76 -43.97 5.27
CA LEU B 312 -5.83 -45.09 5.35
C LEU B 312 -6.56 -46.39 5.07
N LEU B 313 -7.79 -46.50 5.56
CA LEU B 313 -8.61 -47.68 5.33
C LEU B 313 -8.96 -47.83 3.85
N THR B 314 -9.28 -46.71 3.22
CA THR B 314 -9.58 -46.71 1.79
C THR B 314 -8.30 -47.01 0.99
N LEU B 315 -7.18 -46.52 1.49
CA LEU B 315 -5.88 -46.79 0.88
C LEU B 315 -5.58 -48.29 0.87
N ASN B 316 -4.86 -48.74 -0.16
CA ASN B 316 -4.60 -50.16 -0.38
C ASN B 316 -5.89 -50.97 -0.48
N GLU B 317 -5.98 -52.04 0.31
CA GLU B 317 -7.17 -52.88 0.29
C GLU B 317 -7.31 -53.65 1.60
N PRO C 2 44.30 4.67 11.59
CA PRO C 2 45.51 4.98 12.36
C PRO C 2 45.96 3.82 13.24
N PHE C 3 45.51 3.81 14.50
CA PHE C 3 45.86 2.76 15.44
C PHE C 3 45.24 1.42 15.08
N ASN C 4 45.78 0.35 15.64
CA ASN C 4 45.28 -1.00 15.44
C ASN C 4 45.41 -1.53 14.01
N ASN C 5 46.39 -1.00 13.28
CA ASN C 5 46.79 -1.55 11.99
C ASN C 5 45.77 -1.43 10.85
N LEU C 6 44.60 -0.87 11.15
CA LEU C 6 43.49 -0.78 10.20
C LEU C 6 43.02 -2.17 9.79
N LEU C 7 43.06 -3.10 10.73
CA LEU C 7 42.66 -4.49 10.50
C LEU C 7 41.14 -4.68 10.56
N GLY C 8 40.63 -5.69 9.85
CA GLY C 8 41.41 -6.47 8.90
C GLY C 8 41.21 -5.97 7.48
N SER C 9 42.22 -6.18 6.64
CA SER C 9 42.15 -5.83 5.22
C SER C 9 43.34 -6.35 4.43
N THR C 10 43.36 -6.01 3.14
CA THR C 10 44.51 -6.28 2.27
C THR C 10 44.86 -4.99 1.56
N ILE C 11 45.80 -5.07 0.61
CA ILE C 11 46.16 -3.92 -0.23
C ILE C 11 46.57 -2.64 0.54
N PHE C 12 45.76 -1.59 0.49
CA PHE C 12 46.09 -0.29 1.10
C PHE C 12 46.62 -0.40 2.53
N VAL C 13 46.11 -1.37 3.28
CA VAL C 13 46.57 -1.59 4.65
C VAL C 13 47.98 -2.20 4.71
N THR C 14 48.23 -3.20 3.87
CA THR C 14 49.51 -3.91 3.90
C THR C 14 50.63 -3.15 3.17
N HIS C 15 50.27 -2.18 2.35
CA HIS C 15 51.26 -1.39 1.62
C HIS C 15 51.51 -0.05 2.29
N PRO C 16 52.71 0.12 2.88
CA PRO C 16 53.09 1.27 3.71
C PRO C 16 52.93 2.63 3.03
N ASP C 17 53.38 2.75 1.79
CA ASP C 17 53.33 4.03 1.08
C ASP C 17 51.90 4.49 0.84
N LEU C 18 51.01 3.55 0.56
CA LEU C 18 49.60 3.86 0.34
C LEU C 18 48.80 3.78 1.64
N LYS C 19 49.43 3.28 2.70
CA LYS C 19 48.81 3.19 4.01
C LYS C 19 48.74 4.56 4.65
N ARG C 20 49.69 5.42 4.29
CA ARG C 20 49.76 6.77 4.84
C ARG C 20 48.64 7.65 4.32
N VAL C 21 48.48 7.70 2.99
CA VAL C 21 47.46 8.54 2.37
C VAL C 21 46.06 8.07 2.74
N PHE C 22 45.92 6.78 3.07
CA PHE C 22 44.64 6.24 3.49
C PHE C 22 44.27 6.75 4.88
N GLN C 23 45.24 6.74 5.79
CA GLN C 23 45.07 7.29 7.12
C GLN C 23 44.82 8.80 7.04
N MET C 24 45.43 9.44 6.05
CA MET C 24 45.25 10.87 5.83
C MET C 24 43.85 11.13 5.27
N ALA C 25 43.36 10.19 4.47
CA ALA C 25 42.03 10.30 3.87
C ALA C 25 40.93 10.14 4.91
N LEU C 26 41.03 9.08 5.71
CA LEU C 26 40.05 8.82 6.77
C LEU C 26 39.99 9.95 7.78
N ALA C 27 41.14 10.52 8.10
CA ALA C 27 41.21 11.64 9.03
C ALA C 27 40.51 12.87 8.46
N LYS C 28 40.66 13.09 7.15
CA LYS C 28 40.08 14.25 6.48
C LYS C 28 38.56 14.16 6.44
N SER C 29 38.04 13.00 6.08
CA SER C 29 36.60 12.79 5.97
C SER C 29 35.89 12.98 7.30
N VAL C 30 36.40 12.33 8.34
CA VAL C 30 35.84 12.42 9.69
C VAL C 30 35.80 13.86 10.20
N ARG C 31 36.93 14.56 10.12
CA ARG C 31 37.02 15.94 10.60
C ARG C 31 36.08 16.89 9.86
N GLU C 32 35.77 16.57 8.61
CA GLU C 32 34.90 17.42 7.81
C GLU C 32 33.45 17.39 8.28
N ILE C 33 32.90 16.18 8.42
CA ILE C 33 31.50 16.03 8.78
C ILE C 33 31.21 15.90 10.27
N LEU C 34 32.25 15.77 11.09
CA LEU C 34 32.06 15.58 12.53
C LEU C 34 31.28 16.73 13.17
N LEU C 35 31.68 17.95 12.85
CA LEU C 35 31.01 19.14 13.38
C LEU C 35 29.56 19.19 12.91
N GLU C 36 29.35 18.93 11.63
CA GLU C 36 28.02 18.97 11.04
C GLU C 36 27.09 17.91 11.61
N VAL C 37 27.60 16.69 11.75
CA VAL C 37 26.80 15.59 12.26
C VAL C 37 26.46 15.73 13.74
N VAL C 38 27.49 15.90 14.57
CA VAL C 38 27.32 15.91 16.03
C VAL C 38 26.36 17.00 16.53
N GLU C 39 26.61 18.23 16.11
CA GLU C 39 25.77 19.36 16.52
C GLU C 39 24.29 19.11 16.21
N LYS C 40 24.02 18.56 15.03
CA LYS C 40 22.66 18.25 14.61
C LYS C 40 22.13 16.98 15.27
N SER C 41 22.94 15.94 15.31
CA SER C 41 22.52 14.66 15.88
C SER C 41 22.29 14.75 17.39
N SER C 42 23.05 15.62 18.05
CA SER C 42 22.90 15.82 19.49
C SER C 42 21.69 16.70 19.78
N GLY C 43 21.47 17.69 18.93
CA GLY C 43 20.34 18.59 19.09
C GLY C 43 19.00 17.89 19.05
N ILE C 44 18.84 16.97 18.10
CA ILE C 44 17.63 16.18 17.98
C ILE C 44 17.48 15.23 19.17
N ALA C 45 18.58 14.58 19.54
CA ALA C 45 18.56 13.59 20.60
C ALA C 45 18.14 14.17 21.95
N VAL C 46 18.71 15.31 22.33
CA VAL C 46 18.40 15.92 23.61
C VAL C 46 16.96 16.43 23.67
N VAL C 47 16.44 16.91 22.54
CA VAL C 47 15.08 17.44 22.48
C VAL C 47 14.02 16.35 22.53
N THR C 48 14.15 15.36 21.67
CA THR C 48 13.15 14.29 21.57
C THR C 48 13.10 13.45 22.84
N THR C 49 14.22 13.39 23.55
CA THR C 49 14.28 12.67 24.83
C THR C 49 13.63 13.49 25.93
N THR C 50 13.99 14.77 26.00
CA THR C 50 13.40 15.69 26.97
C THR C 50 11.89 15.66 26.94
N LYS C 51 11.33 15.75 25.73
CA LYS C 51 9.87 15.76 25.55
C LYS C 51 9.20 14.46 25.97
N ILE C 52 9.72 13.33 25.50
CA ILE C 52 9.12 12.03 25.78
C ILE C 52 9.28 11.60 27.24
N ILE C 53 10.50 11.68 27.76
CA ILE C 53 10.80 11.28 29.14
C ILE C 53 9.97 12.04 30.17
N LEU C 54 10.02 13.36 30.11
CA LEU C 54 9.27 14.21 31.04
C LEU C 54 7.76 13.93 30.98
N LYS C 55 7.26 13.64 29.78
CA LYS C 55 5.86 13.31 29.60
C LYS C 55 5.53 11.97 30.28
N ASP C 56 6.34 10.96 29.96
CA ASP C 56 6.15 9.62 30.49
C ASP C 56 6.45 9.52 31.98
N PHE C 57 7.44 10.27 32.43
CA PHE C 57 7.90 10.19 33.83
C PHE C 57 7.31 11.22 34.79
N ALA C 58 6.34 11.99 34.33
CA ALA C 58 5.78 13.09 35.12
C ALA C 58 5.26 12.69 36.50
N THR C 59 4.98 11.41 36.69
CA THR C 59 4.57 10.91 38.00
C THR C 59 5.72 10.26 38.78
N GLU C 60 6.92 10.24 38.18
CA GLU C 60 8.03 9.48 38.74
C GLU C 60 8.95 10.26 39.68
N VAL C 61 9.36 9.59 40.75
CA VAL C 61 10.23 10.17 41.77
C VAL C 61 11.59 9.47 41.67
N ASP C 62 12.51 9.76 42.60
CA ASP C 62 13.86 9.19 42.54
C ASP C 62 14.56 9.59 41.25
N GLU C 63 14.99 10.85 41.18
CA GLU C 63 15.59 11.40 39.97
C GLU C 63 16.74 10.55 39.44
N SER C 64 17.28 9.69 40.31
CA SER C 64 18.19 8.64 39.89
C SER C 64 17.52 7.74 38.86
N LYS C 65 16.30 7.29 39.16
CA LYS C 65 15.53 6.45 38.26
C LYS C 65 15.20 7.18 36.96
N LEU C 66 15.07 8.50 37.04
CA LEU C 66 14.86 9.31 35.85
C LEU C 66 16.16 9.46 35.09
N LYS C 67 17.24 9.77 35.82
CA LYS C 67 18.55 9.99 35.21
C LYS C 67 19.05 8.77 34.46
N THR C 68 18.85 7.59 35.04
CA THR C 68 19.26 6.34 34.41
C THR C 68 18.54 6.17 33.07
N ALA C 69 17.22 6.33 33.09
CA ALA C 69 16.42 6.17 31.88
C ALA C 69 16.70 7.28 30.87
N ALA C 70 16.87 8.50 31.36
CA ALA C 70 17.14 9.64 30.50
C ALA C 70 18.45 9.50 29.73
N ILE C 71 19.51 9.19 30.45
CA ILE C 71 20.83 8.99 29.84
C ILE C 71 20.81 7.90 28.78
N ILE C 72 20.52 6.67 29.19
CA ILE C 72 20.58 5.51 28.29
C ILE C 72 19.69 5.68 27.06
N MET C 73 18.61 6.44 27.20
CA MET C 73 17.75 6.72 26.06
C MET C 73 18.43 7.68 25.09
N VAL C 74 18.90 8.81 25.59
CA VAL C 74 19.52 9.81 24.74
C VAL C 74 20.88 9.33 24.21
N ARG C 75 21.53 8.45 24.96
CA ARG C 75 22.82 7.92 24.54
C ARG C 75 22.67 6.97 23.36
N HIS C 76 21.81 5.97 23.52
CA HIS C 76 21.56 4.98 22.47
C HIS C 76 20.93 5.63 21.25
N LEU C 77 20.15 6.68 21.48
CA LEU C 77 19.44 7.36 20.41
C LEU C 77 20.35 8.31 19.63
N ALA C 78 21.26 8.97 20.32
CA ALA C 78 22.19 9.88 19.65
C ALA C 78 23.22 9.10 18.86
N GLN C 79 23.54 7.89 19.31
CA GLN C 79 24.48 7.02 18.61
C GLN C 79 23.87 6.53 17.29
N SER C 80 22.64 6.05 17.37
CA SER C 80 21.95 5.49 16.22
C SER C 80 21.76 6.51 15.09
N LEU C 81 21.33 7.72 15.46
CA LEU C 81 21.12 8.78 14.47
C LEU C 81 22.46 9.25 13.90
N ALA C 82 23.51 9.18 14.70
CA ALA C 82 24.85 9.55 14.24
C ALA C 82 25.38 8.57 13.20
N ARG C 83 25.25 7.27 13.48
CA ARG C 83 25.69 6.22 12.57
C ARG C 83 24.94 6.28 11.25
N ALA C 84 23.62 6.45 11.33
CA ALA C 84 22.78 6.49 10.15
C ALA C 84 23.09 7.70 9.25
N THR C 85 23.35 8.84 9.87
CA THR C 85 23.62 10.07 9.13
C THR C 85 25.02 10.08 8.52
N SER C 86 25.97 9.50 9.24
CA SER C 86 27.39 9.62 8.87
C SER C 86 27.87 8.68 7.76
N ILE C 87 27.36 7.45 7.75
CA ILE C 87 27.90 6.39 6.89
C ILE C 87 28.04 6.74 5.41
N GLU C 88 26.96 7.16 4.79
CA GLU C 88 26.95 7.45 3.35
C GLU C 88 27.84 8.64 2.91
N PRO C 89 27.69 9.80 3.57
CA PRO C 89 28.55 10.93 3.14
C PRO C 89 30.02 10.73 3.49
N LEU C 90 30.30 9.90 4.50
CA LEU C 90 31.67 9.62 4.90
C LEU C 90 32.38 8.80 3.83
N LYS C 91 31.74 7.72 3.41
CA LYS C 91 32.30 6.83 2.39
C LYS C 91 32.57 7.57 1.09
N GLU C 92 31.56 8.26 0.58
CA GLU C 92 31.69 9.03 -0.64
C GLU C 92 32.72 10.14 -0.49
N GLY C 93 32.91 10.59 0.75
CA GLY C 93 33.92 11.58 1.05
C GLY C 93 35.30 10.95 1.13
N ILE C 94 35.36 9.73 1.64
CA ILE C 94 36.62 9.00 1.78
C ILE C 94 37.22 8.67 0.42
N ARG C 95 36.37 8.31 -0.53
CA ARG C 95 36.81 7.97 -1.88
C ARG C 95 37.15 9.23 -2.67
N SER C 96 36.39 10.30 -2.44
CA SER C 96 36.60 11.56 -3.14
C SER C 96 37.97 12.15 -2.85
N THR C 97 38.34 12.18 -1.57
CA THR C 97 39.64 12.70 -1.15
C THR C 97 40.74 11.71 -1.54
N MET C 98 40.36 10.47 -1.79
CA MET C 98 41.30 9.43 -2.17
C MET C 98 41.74 9.60 -3.63
N GLN C 99 40.77 9.84 -4.51
CA GLN C 99 41.05 10.00 -5.93
C GLN C 99 41.84 11.26 -6.22
N SER C 100 41.64 12.29 -5.40
CA SER C 100 42.33 13.56 -5.57
C SER C 100 43.84 13.42 -5.34
N LEU C 101 44.21 12.74 -4.27
CA LEU C 101 45.62 12.54 -3.96
C LEU C 101 46.15 11.26 -4.59
N GLU C 115 37.42 -1.35 -6.03
CA GLU C 115 38.09 -2.14 -5.01
C GLU C 115 38.19 -1.38 -3.70
N LEU C 116 38.17 -0.05 -3.80
CA LEU C 116 38.20 0.83 -2.62
C LEU C 116 37.10 0.47 -1.62
N ASP C 117 35.90 0.21 -2.15
CA ASP C 117 34.75 -0.14 -1.33
C ASP C 117 35.01 -1.40 -0.50
N THR C 118 35.76 -2.33 -1.06
CA THR C 118 36.11 -3.56 -0.34
C THR C 118 37.01 -3.24 0.85
N ALA C 119 37.89 -2.27 0.69
CA ALA C 119 38.83 -1.89 1.74
C ALA C 119 38.20 -1.04 2.85
N ILE C 120 37.46 -0.01 2.45
CA ILE C 120 36.93 0.96 3.39
C ILE C 120 35.78 0.42 4.25
N ASN C 121 35.00 -0.50 3.72
CA ASN C 121 33.88 -1.08 4.45
C ASN C 121 34.33 -1.84 5.69
N GLU C 122 35.58 -2.31 5.68
CA GLU C 122 36.13 -3.04 6.81
C GLU C 122 36.57 -2.11 7.93
N ASN C 123 37.22 -1.01 7.57
CA ASN C 123 37.82 -0.11 8.54
C ASN C 123 36.94 1.09 8.94
N ILE C 124 35.76 1.21 8.35
CA ILE C 124 34.89 2.34 8.63
C ILE C 124 34.25 2.25 10.02
N GLY C 125 34.33 1.07 10.63
CA GLY C 125 33.82 0.86 11.97
C GLY C 125 34.54 1.72 13.00
N ILE C 126 35.78 2.07 12.70
CA ILE C 126 36.57 2.96 13.55
C ILE C 126 36.07 4.40 13.45
N ALA C 127 35.91 4.87 12.22
CA ALA C 127 35.50 6.25 11.97
C ALA C 127 34.16 6.57 12.60
N LEU C 128 33.18 5.68 12.42
CA LEU C 128 31.83 5.89 12.94
C LEU C 128 31.80 5.92 14.47
N VAL C 129 32.51 4.98 15.10
CA VAL C 129 32.50 4.87 16.56
C VAL C 129 33.11 6.10 17.23
N LEU C 130 33.88 6.88 16.48
CA LEU C 130 34.41 8.15 16.96
C LEU C 130 33.34 9.24 16.88
N ILE C 131 32.54 9.19 15.83
CA ILE C 131 31.43 10.13 15.65
C ILE C 131 30.28 9.78 16.59
N GLU C 132 30.04 8.48 16.76
CA GLU C 132 29.05 8.00 17.71
C GLU C 132 29.40 8.48 19.11
N LYS C 133 30.64 8.21 19.52
CA LYS C 133 31.14 8.62 20.83
C LYS C 133 31.03 10.12 21.05
N ALA C 134 31.51 10.89 20.07
CA ALA C 134 31.50 12.35 20.18
C ALA C 134 30.09 12.91 20.33
N SER C 135 29.16 12.37 19.54
CA SER C 135 27.77 12.83 19.59
C SER C 135 27.06 12.30 20.84
N MET C 136 27.52 11.16 21.34
CA MET C 136 26.95 10.56 22.56
C MET C 136 27.20 11.43 23.78
N ASP C 137 28.44 11.85 23.96
CA ASP C 137 28.83 12.65 25.12
C ASP C 137 28.14 14.01 25.15
N LYS C 138 28.18 14.72 24.02
CA LYS C 138 27.57 16.04 23.93
C LYS C 138 26.06 15.97 24.12
N SER C 139 25.49 14.80 23.83
CA SER C 139 24.07 14.58 24.06
C SER C 139 23.78 14.31 25.54
N THR C 140 24.71 13.64 26.20
CA THR C 140 24.60 13.37 27.63
C THR C 140 24.95 14.61 28.45
N GLN C 141 25.48 15.63 27.76
CA GLN C 141 25.90 16.87 28.42
C GLN C 141 24.75 17.88 28.43
N ASP C 142 24.36 18.31 27.23
CA ASP C 142 23.28 19.27 27.06
C ASP C 142 21.98 18.81 27.72
N LEU C 143 21.77 17.50 27.76
CA LEU C 143 20.61 16.92 28.43
C LEU C 143 20.62 17.25 29.92
N ALA C 144 21.75 16.93 30.57
CA ALA C 144 21.91 17.18 32.00
C ALA C 144 21.73 18.66 32.33
N ASP C 145 22.05 19.52 31.35
CA ASP C 145 21.84 20.94 31.51
C ASP C 145 20.38 21.31 31.34
N GLN C 146 19.69 20.60 30.44
CA GLN C 146 18.28 20.87 30.19
C GLN C 146 17.34 19.99 31.03
N LEU C 147 17.91 19.05 31.76
CA LEU C 147 17.14 18.26 32.72
C LEU C 147 17.28 18.85 34.12
N MET C 148 18.03 19.93 34.23
CA MET C 148 18.32 20.56 35.51
C MET C 148 17.07 21.09 36.19
N GLN C 149 16.16 21.66 35.41
CA GLN C 149 14.92 22.23 35.94
C GLN C 149 14.01 21.14 36.49
N ALA C 150 13.84 20.06 35.74
CA ALA C 150 12.97 18.97 36.14
C ALA C 150 13.55 18.15 37.28
N ILE C 151 14.87 18.18 37.40
CA ILE C 151 15.55 17.45 38.47
C ILE C 151 15.45 18.24 39.78
N ALA C 152 15.62 19.55 39.69
CA ALA C 152 15.57 20.41 40.86
C ALA C 152 14.16 20.52 41.43
N ILE C 153 13.18 20.71 40.56
CA ILE C 153 11.79 20.82 40.99
C ILE C 153 11.28 19.52 41.60
N ARG C 154 12.03 18.44 41.40
CA ARG C 154 11.72 17.17 42.03
C ARG C 154 12.43 17.08 43.38
N ARG C 155 13.52 17.83 43.52
CA ARG C 155 14.26 17.85 44.77
C ARG C 155 13.52 18.64 45.86
N TYR C 156 12.92 19.75 45.46
CA TYR C 156 12.15 20.57 46.40
C TYR C 156 10.97 19.78 46.94
N HIS C 157 10.27 19.09 46.06
CA HIS C 157 9.13 18.27 46.45
C HIS C 157 9.59 17.08 47.27
N LYS C 158 10.85 16.70 47.13
CA LYS C 158 11.38 15.56 47.88
C LYS C 158 11.59 15.91 49.36
N GLU C 159 12.26 17.05 49.59
CA GLU C 159 12.60 17.46 50.95
C GLU C 159 11.44 18.12 51.71
N ARG C 160 10.69 18.97 51.01
CA ARG C 160 9.65 19.77 51.67
C ARG C 160 8.41 18.96 52.04
N ARG C 161 7.89 18.19 51.09
CA ARG C 161 6.69 17.39 51.33
C ARG C 161 6.92 15.93 50.94
N ALA C 162 6.95 15.05 51.93
CA ALA C 162 7.37 13.67 51.71
C ALA C 162 6.24 12.75 51.26
N ASP C 163 5.33 12.45 52.17
CA ASP C 163 4.25 11.49 51.93
C ASP C 163 3.29 11.91 50.82
N GLN C 164 3.39 13.17 50.41
CA GLN C 164 2.50 13.74 49.41
C GLN C 164 2.69 13.11 48.03
N PRO C 165 1.61 13.07 47.22
CA PRO C 165 1.67 12.56 45.85
C PRO C 165 2.56 13.44 44.97
N PHE C 166 2.98 12.94 43.81
CA PHE C 166 4.07 13.59 43.09
C PHE C 166 3.67 14.43 41.87
N ILE C 167 4.26 15.63 41.80
CA ILE C 167 4.28 16.44 40.57
C ILE C 167 2.92 16.76 39.94
N THR C 168 2.70 16.23 38.73
CA THR C 168 1.71 16.78 37.79
C THR C 168 2.09 18.23 37.51
N GLN C 169 3.27 18.40 36.91
CA GLN C 169 3.87 19.72 36.76
C GLN C 169 3.07 20.65 35.83
N ASN C 170 2.85 20.20 34.61
CA ASN C 170 2.14 21.01 33.64
C ASN C 170 0.85 20.34 33.17
N THR C 171 1.00 19.28 32.37
CA THR C 171 -0.17 18.63 31.80
C THR C 171 -0.12 17.10 31.83
N ASN C 172 -1.09 16.52 32.51
CA ASN C 172 -1.48 15.13 32.26
C ASN C 172 -3.00 14.98 32.30
N PRO C 173 -3.71 15.74 31.45
CA PRO C 173 -5.18 15.68 31.47
C PRO C 173 -5.72 14.36 30.92
N TYR C 174 -5.13 13.89 29.82
CA TYR C 174 -5.62 12.69 29.14
C TYR C 174 -5.12 11.43 29.83
N SER C 175 -3.96 11.55 30.47
CA SER C 175 -3.37 10.42 31.18
C SER C 175 -3.94 10.31 32.59
N LEU C 176 -4.87 11.20 32.92
CA LEU C 176 -5.63 11.10 34.16
C LEU C 176 -6.57 9.90 34.08
N SER C 177 -6.63 9.31 32.89
CA SER C 177 -7.43 8.11 32.64
C SER C 177 -7.03 6.95 33.55
N LEU C 178 -8.02 6.13 33.88
CA LEU C 178 -7.86 4.97 34.76
C LEU C 178 -7.00 3.74 34.37
N PRO C 179 -6.96 3.35 33.08
CA PRO C 179 -6.75 1.95 32.70
C PRO C 179 -5.45 1.28 33.13
N GLU C 180 -5.27 0.05 32.63
CA GLU C 180 -4.18 -0.84 33.05
C GLU C 180 -2.81 -0.21 32.75
N PRO C 181 -1.69 -0.88 33.14
CA PRO C 181 -0.46 -0.06 33.11
C PRO C 181 0.03 0.36 31.73
N LEU C 182 -0.85 1.00 30.96
CA LEU C 182 -0.46 1.76 29.78
C LEU C 182 -0.40 3.24 30.14
N GLY C 183 -0.66 3.56 31.41
CA GLY C 183 -0.79 4.94 31.82
C GLY C 183 -0.29 5.23 33.23
N LEU C 184 -0.14 6.52 33.53
CA LEU C 184 0.48 6.97 34.76
C LEU C 184 -0.27 6.55 36.02
N LYS C 185 0.48 6.26 37.07
CA LYS C 185 -0.10 5.87 38.35
C LYS C 185 0.32 6.83 39.45
N GLY C 188 0.73 6.93 42.60
CA GLY C 188 1.86 6.14 43.06
C GLY C 188 3.14 6.47 42.33
N VAL C 189 3.74 5.46 41.72
CA VAL C 189 4.98 5.64 40.97
C VAL C 189 4.97 4.73 39.75
N THR C 190 6.00 4.83 38.92
CA THR C 190 6.12 3.96 37.74
C THR C 190 6.47 2.55 38.18
N PRO C 191 5.63 1.57 37.81
CA PRO C 191 5.86 0.17 38.21
C PRO C 191 7.13 -0.39 37.58
N GLN C 192 7.63 -1.50 38.12
CA GLN C 192 8.86 -2.10 37.64
C GLN C 192 8.79 -2.46 36.16
N GLN C 193 7.62 -2.91 35.72
CA GLN C 193 7.41 -3.27 34.32
C GLN C 193 7.55 -2.06 33.41
N PHE C 194 6.90 -0.97 33.80
CA PHE C 194 6.96 0.28 33.03
C PHE C 194 8.38 0.82 32.98
N ARG C 195 9.12 0.60 34.06
CA ARG C 195 10.52 1.02 34.11
C ARG C 195 11.39 0.09 33.28
N VAL C 196 11.03 -1.19 33.25
CA VAL C 196 11.78 -2.20 32.51
C VAL C 196 11.84 -1.88 31.02
N TYR C 197 10.75 -1.35 30.49
CA TYR C 197 10.71 -0.92 29.09
C TYR C 197 11.74 0.19 28.87
N GLU C 198 11.71 1.20 29.73
CA GLU C 198 12.66 2.30 29.66
C GLU C 198 14.07 1.85 30.06
N GLU C 199 14.15 0.77 30.83
CA GLU C 199 15.44 0.25 31.28
C GLU C 199 16.25 -0.33 30.13
N PHE C 200 15.56 -0.90 29.14
CA PHE C 200 16.23 -1.49 28.00
C PHE C 200 15.73 -0.89 26.68
N GLY C 201 16.62 -0.20 25.98
CA GLY C 201 16.26 0.43 24.71
C GLY C 201 15.27 1.56 24.86
N ASP D 49 -13.96 1.98 22.06
CA ASP D 49 -12.74 1.70 21.30
C ASP D 49 -11.82 0.80 22.10
N ASP D 50 -12.21 0.48 23.33
CA ASP D 50 -11.37 -0.27 24.26
C ASP D 50 -11.10 -1.77 23.97
N PRO D 51 -12.16 -2.58 23.75
CA PRO D 51 -12.06 -4.01 24.03
C PRO D 51 -10.90 -4.81 23.42
N ASN D 52 -10.69 -4.72 22.10
CA ASN D 52 -9.55 -5.42 21.51
C ASN D 52 -8.33 -4.55 21.24
N VAL D 53 -8.48 -3.23 21.43
CA VAL D 53 -7.38 -2.29 21.25
C VAL D 53 -6.49 -2.22 22.49
N TYR D 54 -7.12 -2.20 23.65
CA TYR D 54 -6.41 -2.08 24.92
C TYR D 54 -5.40 -3.20 25.09
N HIS D 55 -5.79 -4.42 24.75
CA HIS D 55 -4.88 -5.56 24.81
C HIS D 55 -3.80 -5.44 23.74
N TRP D 56 -4.19 -4.95 22.57
CA TRP D 56 -3.25 -4.80 21.46
C TRP D 56 -2.12 -3.82 21.77
N ILE D 57 -2.48 -2.67 22.35
CA ILE D 57 -1.49 -1.66 22.72
C ILE D 57 -0.53 -2.16 23.80
N CYS D 58 -1.06 -2.90 24.76
CA CYS D 58 -0.24 -3.46 25.84
C CYS D 58 0.78 -4.46 25.29
N GLN D 59 0.47 -5.08 24.17
CA GLN D 59 1.37 -6.03 23.53
C GLN D 59 2.39 -5.34 22.64
N LEU D 60 2.23 -4.02 22.47
CA LEU D 60 3.17 -3.24 21.67
C LEU D 60 4.43 -2.87 22.45
N THR D 61 4.26 -2.47 23.71
CA THR D 61 5.36 -2.00 24.53
C THR D 61 6.21 -3.14 25.10
N TYR D 62 5.53 -4.22 25.49
CA TYR D 62 6.15 -5.43 26.00
C TYR D 62 5.25 -6.54 25.47
N GLY D 63 5.40 -7.77 25.97
CA GLY D 63 4.40 -8.75 25.58
C GLY D 63 4.46 -9.18 24.13
N PRO D 64 5.48 -9.99 23.76
CA PRO D 64 5.82 -10.32 22.35
C PRO D 64 4.61 -10.90 21.61
N GLN D 65 4.77 -11.30 20.35
CA GLN D 65 3.91 -10.77 19.27
C GLN D 65 4.44 -9.37 19.00
N LYS D 66 3.71 -8.31 19.40
CA LYS D 66 4.03 -6.97 18.91
C LYS D 66 3.75 -6.88 17.42
N GLU D 67 4.78 -6.88 16.57
CA GLU D 67 4.62 -6.60 15.14
C GLU D 67 3.37 -7.22 14.50
N GLN D 68 2.98 -8.40 14.97
CA GLN D 68 1.66 -8.94 14.65
C GLN D 68 0.55 -7.96 15.04
N ALA D 69 0.56 -7.49 16.28
CA ALA D 69 -0.43 -6.54 16.77
C ALA D 69 -0.18 -5.15 16.19
N LEU D 70 1.05 -4.88 15.77
CA LEU D 70 1.38 -3.64 15.07
C LEU D 70 0.55 -3.55 13.79
N LEU D 71 0.44 -4.67 13.10
CA LEU D 71 -0.38 -4.75 11.89
C LEU D 71 -1.85 -4.54 12.23
N GLU D 72 -2.30 -5.17 13.31
CA GLU D 72 -3.67 -5.05 13.78
C GLU D 72 -4.04 -3.59 14.03
N LEU D 73 -3.18 -2.88 14.75
CA LEU D 73 -3.40 -1.46 15.05
C LEU D 73 -3.24 -0.63 13.79
N GLY D 74 -2.42 -1.12 12.86
CA GLY D 74 -2.21 -0.44 11.59
C GLY D 74 -3.46 -0.44 10.73
N ARG D 75 -4.19 -1.54 10.76
CA ARG D 75 -5.42 -1.68 9.98
C ARG D 75 -6.59 -0.96 10.64
N LYS D 76 -6.64 -1.03 11.97
CA LYS D 76 -7.70 -0.41 12.75
C LYS D 76 -7.59 1.11 12.80
N ARG D 77 -6.53 1.63 12.20
CA ARG D 77 -6.17 3.05 12.26
C ARG D 77 -7.33 4.01 11.94
N GLU D 78 -8.21 3.60 11.02
CA GLU D 78 -9.35 4.42 10.66
C GLU D 78 -10.55 4.11 11.55
N ASP D 81 -12.19 5.06 16.28
CA ASP D 81 -12.31 6.50 16.38
C ASP D 81 -10.93 7.15 16.44
N ASP D 82 -10.64 7.87 17.53
CA ASP D 82 -9.33 8.45 17.71
C ASP D 82 -8.55 7.73 18.81
N LEU D 83 -7.57 6.94 18.41
CA LEU D 83 -6.61 6.36 19.34
C LEU D 83 -5.33 7.16 19.29
N ALA D 84 -5.30 8.17 18.41
CA ALA D 84 -4.12 9.00 18.22
C ALA D 84 -3.73 9.71 19.51
N VAL D 85 -4.74 10.16 20.24
CA VAL D 85 -4.51 10.76 21.56
C VAL D 85 -4.11 9.67 22.56
N VAL D 86 -4.73 8.50 22.43
CA VAL D 86 -4.42 7.36 23.30
C VAL D 86 -2.96 6.94 23.17
N LEU D 87 -2.48 6.87 21.93
CA LEU D 87 -1.10 6.48 21.66
C LEU D 87 -0.07 7.39 22.35
N TRP D 88 -0.20 8.69 22.14
CA TRP D 88 0.72 9.65 22.74
C TRP D 88 0.61 9.65 24.26
N SER D 89 -0.63 9.70 24.75
CA SER D 89 -0.89 9.78 26.18
C SER D 89 -0.41 8.54 26.93
N SER D 90 -0.56 7.38 26.30
CA SER D 90 -0.16 6.12 26.94
C SER D 90 1.34 6.05 27.17
N PHE D 91 1.74 5.25 28.15
CA PHE D 91 3.15 5.19 28.56
C PHE D 91 3.98 4.25 27.69
N GLY D 92 5.14 4.73 27.27
CA GLY D 92 6.10 3.90 26.55
C GLY D 92 5.76 3.60 25.10
N VAL D 93 4.56 4.02 24.67
CA VAL D 93 4.13 3.79 23.30
C VAL D 93 5.04 4.50 22.30
N MET D 94 5.20 5.81 22.48
CA MET D 94 6.06 6.60 21.61
C MET D 94 7.51 6.12 21.67
N THR D 95 7.89 5.58 22.83
CA THR D 95 9.21 4.98 22.98
C THR D 95 9.27 3.69 22.16
N SER D 96 8.26 2.85 22.29
CA SER D 96 8.20 1.56 21.61
C SER D 96 8.19 1.70 20.10
N LEU D 97 7.33 2.58 19.60
CA LEU D 97 7.21 2.79 18.16
C LEU D 97 8.49 3.40 17.58
N LEU D 98 9.16 4.22 18.38
CA LEU D 98 10.41 4.83 17.95
C LEU D 98 11.53 3.80 17.91
N ASN D 99 11.46 2.81 18.79
CA ASN D 99 12.42 1.72 18.81
C ASN D 99 12.33 0.88 17.54
N GLU D 100 11.12 0.71 17.04
CA GLU D 100 10.90 -0.06 15.81
C GLU D 100 11.53 0.61 14.59
N ILE D 101 11.53 1.94 14.60
CA ILE D 101 12.14 2.70 13.51
C ILE D 101 13.67 2.58 13.52
N ILE D 102 14.27 2.84 14.68
CA ILE D 102 15.72 2.85 14.79
C ILE D 102 16.37 1.48 14.59
N SER D 103 15.59 0.42 14.79
CA SER D 103 16.10 -0.94 14.61
C SER D 103 16.33 -1.27 13.15
N VAL D 104 15.76 -0.45 12.26
CA VAL D 104 15.90 -0.66 10.82
C VAL D 104 17.06 0.15 10.25
N TYR D 105 17.75 0.89 11.10
CA TYR D 105 18.87 1.73 10.67
C TYR D 105 20.09 0.99 10.09
N PRO D 106 20.55 -0.09 10.74
CA PRO D 106 21.68 -0.79 10.13
C PRO D 106 21.29 -1.49 8.83
N MET D 107 20.01 -1.83 8.70
CA MET D 107 19.51 -2.54 7.53
C MET D 107 19.39 -1.67 6.29
N LEU D 108 19.65 -0.37 6.43
CA LEU D 108 19.55 0.55 5.32
C LEU D 108 20.60 0.31 4.24
N GLN D 109 21.57 -0.56 4.54
CA GLN D 109 22.44 -1.11 3.51
C GLN D 109 21.58 -1.97 2.60
N PRO D 110 21.76 -1.83 1.27
CA PRO D 110 20.84 -2.35 0.26
C PRO D 110 20.46 -3.82 0.39
N GLN D 111 21.41 -4.67 0.72
CA GLN D 111 21.15 -6.12 0.76
C GLN D 111 20.49 -6.61 2.05
N MET D 112 20.77 -5.93 3.16
CA MET D 112 20.43 -6.44 4.49
C MET D 112 18.94 -6.46 4.84
N LEU D 113 18.22 -5.40 4.51
CA LEU D 113 16.83 -5.26 4.97
C LEU D 113 15.89 -6.36 4.46
N SER D 114 15.22 -7.02 5.40
CA SER D 114 14.29 -8.10 5.07
C SER D 114 12.93 -7.58 4.63
N ASN D 115 12.20 -8.41 3.88
CA ASN D 115 10.83 -8.12 3.49
C ASN D 115 9.92 -7.79 4.67
N ASN D 116 9.73 -8.76 5.56
CA ASN D 116 8.84 -8.60 6.71
C ASN D 116 9.29 -7.49 7.68
N LEU D 117 10.59 -7.24 7.73
CA LEU D 117 11.13 -6.14 8.51
C LEU D 117 10.60 -4.82 7.96
N SER D 118 10.66 -4.68 6.64
CA SER D 118 10.16 -3.49 5.95
C SER D 118 8.68 -3.29 6.22
N ASN D 119 7.93 -4.38 6.29
CA ASN D 119 6.51 -4.32 6.62
C ASN D 119 6.30 -3.92 8.07
N ARG D 120 7.06 -4.56 8.96
CA ARG D 120 6.96 -4.30 10.39
C ARG D 120 7.19 -2.84 10.73
N VAL D 121 8.29 -2.27 10.23
CA VAL D 121 8.60 -0.87 10.46
C VAL D 121 7.54 0.03 9.81
N CYS D 122 7.01 -0.40 8.67
CA CYS D 122 5.96 0.34 7.98
C CYS D 122 4.65 0.32 8.79
N ASN D 123 4.38 -0.80 9.46
CA ASN D 123 3.23 -0.90 10.35
C ASN D 123 3.34 0.11 11.48
N ALA D 124 4.56 0.34 11.94
CA ALA D 124 4.81 1.34 12.97
C ALA D 124 4.81 2.73 12.36
N LEU D 125 5.33 2.82 11.14
CA LEU D 125 5.39 4.09 10.42
C LEU D 125 3.99 4.68 10.17
N VAL D 126 3.04 3.86 9.75
CA VAL D 126 1.68 4.30 9.54
C VAL D 126 1.00 4.63 10.88
N LEU D 127 1.41 3.94 11.94
CA LEU D 127 0.89 4.24 13.27
C LEU D 127 1.28 5.64 13.72
N LEU D 128 2.52 6.03 13.44
CA LEU D 128 2.98 7.38 13.74
C LEU D 128 2.28 8.37 12.82
N GLN D 129 1.99 7.93 11.61
CA GLN D 129 1.26 8.75 10.64
C GLN D 129 -0.12 9.08 11.19
N CYS D 130 -0.70 8.13 11.92
CA CYS D 130 -1.98 8.34 12.59
C CYS D 130 -1.87 9.42 13.66
N VAL D 131 -0.73 9.42 14.36
CA VAL D 131 -0.48 10.41 15.41
C VAL D 131 -0.30 11.80 14.79
N ALA D 132 0.27 11.84 13.59
CA ALA D 132 0.45 13.09 12.88
C ALA D 132 -0.86 13.63 12.34
N SER D 133 -1.85 12.75 12.23
CA SER D 133 -3.16 13.13 11.72
C SER D 133 -3.96 14.00 12.69
N HIS D 134 -4.10 13.54 13.93
CA HIS D 134 -4.91 14.23 14.93
C HIS D 134 -4.27 15.56 15.35
N PRO D 135 -5.07 16.63 15.37
CA PRO D 135 -4.62 18.00 15.63
C PRO D 135 -3.98 18.19 17.01
N GLU D 136 -4.52 17.53 18.03
CA GLU D 136 -3.99 17.65 19.38
C GLU D 136 -2.59 17.04 19.48
N THR D 137 -2.41 15.85 18.92
CA THR D 137 -1.14 15.17 18.95
C THR D 137 -0.23 15.61 17.81
N LYS D 138 -0.79 16.39 16.87
CA LYS D 138 -0.02 16.89 15.73
C LYS D 138 1.15 17.76 16.17
N HIS D 139 0.85 18.83 16.91
CA HIS D 139 1.86 19.77 17.33
C HIS D 139 2.71 19.25 18.48
N LEU D 140 2.26 18.16 19.11
CA LEU D 140 3.07 17.47 20.09
C LEU D 140 4.13 16.63 19.38
N PHE D 141 3.69 15.90 18.36
CA PHE D 141 4.57 15.06 17.55
C PHE D 141 5.60 15.92 16.82
N LEU D 142 5.16 17.10 16.37
CA LEU D 142 6.04 18.02 15.66
C LEU D 142 7.07 18.66 16.59
N GLN D 143 6.63 19.04 17.78
CA GLN D 143 7.51 19.70 18.73
C GLN D 143 8.49 18.73 19.39
N ALA D 144 8.19 17.44 19.30
CA ALA D 144 9.04 16.42 19.90
C ALA D 144 10.17 16.01 18.95
N HIS D 145 10.19 16.61 17.76
CA HIS D 145 11.23 16.36 16.76
C HIS D 145 11.34 14.90 16.34
N ILE D 146 10.25 14.15 16.51
CA ILE D 146 10.20 12.76 16.07
C ILE D 146 10.29 12.55 14.54
N PRO D 147 9.59 13.38 13.73
CA PRO D 147 9.66 13.15 12.29
C PRO D 147 11.06 13.27 11.68
N LEU D 148 12.00 13.87 12.39
CA LEU D 148 13.37 13.98 11.92
C LEU D 148 14.09 12.63 11.91
N PHE D 149 13.46 11.63 12.51
CA PHE D 149 13.99 10.27 12.49
C PHE D 149 13.64 9.58 11.18
N LEU D 150 12.76 10.18 10.40
CA LEU D 150 12.32 9.61 9.12
C LEU D 150 13.16 10.07 7.93
N PHE D 151 14.00 11.08 8.14
CA PHE D 151 14.87 11.57 7.07
C PHE D 151 15.95 10.60 6.58
N PRO D 152 16.59 9.86 7.50
CA PRO D 152 17.52 8.81 7.02
C PRO D 152 16.84 7.76 6.13
N PHE D 153 15.57 7.47 6.40
CA PHE D 153 14.81 6.56 5.55
C PHE D 153 14.58 7.19 4.18
N LEU D 154 14.26 8.48 4.17
CA LEU D 154 13.98 9.21 2.95
C LEU D 154 15.23 9.45 2.10
N ASN D 155 16.39 9.17 2.67
CA ASN D 155 17.66 9.37 1.99
C ASN D 155 18.12 8.14 1.21
N THR D 156 17.31 7.09 1.21
CA THR D 156 17.65 5.85 0.52
C THR D 156 17.44 5.96 -0.99
N THR D 157 18.50 5.68 -1.75
CA THR D 157 18.44 5.75 -3.21
C THR D 157 18.10 4.43 -3.89
N SER D 158 18.09 3.34 -3.13
CA SER D 158 17.86 2.02 -3.70
C SER D 158 16.44 1.86 -4.24
N ARG D 159 16.32 1.26 -5.43
CA ARG D 159 15.04 1.17 -6.11
C ARG D 159 14.31 -0.15 -5.86
N GLN D 160 14.86 -0.98 -4.98
CA GLN D 160 14.23 -2.25 -4.63
C GLN D 160 12.85 -2.03 -4.04
N ARG D 161 11.97 -3.01 -4.23
CA ARG D 161 10.57 -2.89 -3.80
C ARG D 161 10.41 -2.61 -2.31
N THR D 162 11.31 -3.18 -1.51
CA THR D 162 11.29 -2.98 -0.07
C THR D 162 11.58 -1.52 0.31
N PHE D 163 12.44 -0.86 -0.47
CA PHE D 163 12.79 0.53 -0.22
C PHE D 163 11.69 1.49 -0.66
N GLU D 164 10.99 1.13 -1.73
CA GLU D 164 9.90 1.96 -2.25
C GLU D 164 8.77 2.05 -1.24
N TYR D 165 8.38 0.90 -0.68
CA TYR D 165 7.36 0.84 0.35
C TYR D 165 7.79 1.69 1.54
N LEU D 166 9.07 1.59 1.89
CA LEU D 166 9.61 2.32 3.02
C LEU D 166 9.48 3.83 2.82
N ARG D 167 9.86 4.30 1.63
CA ARG D 167 9.78 5.72 1.29
C ARG D 167 8.36 6.19 1.06
N LEU D 168 7.50 5.29 0.58
CA LEU D 168 6.09 5.62 0.39
C LEU D 168 5.38 5.80 1.72
N THR D 169 5.66 4.90 2.65
CA THR D 169 5.09 4.97 3.99
C THR D 169 5.61 6.20 4.73
N SER D 170 6.92 6.40 4.67
CA SER D 170 7.57 7.52 5.34
C SER D 170 7.05 8.86 4.86
N LEU D 171 6.99 9.03 3.54
CA LEU D 171 6.45 10.25 2.95
C LEU D 171 5.01 10.47 3.38
N GLY D 172 4.30 9.38 3.64
CA GLY D 172 2.93 9.45 4.13
C GLY D 172 2.83 10.22 5.43
N VAL D 173 3.73 9.92 6.36
CA VAL D 173 3.80 10.63 7.63
C VAL D 173 3.98 12.13 7.41
N ILE D 174 5.10 12.49 6.80
CA ILE D 174 5.42 13.88 6.50
C ILE D 174 4.31 14.53 5.68
N GLY D 175 3.72 13.76 4.78
CA GLY D 175 2.60 14.23 3.98
C GLY D 175 1.37 14.50 4.84
N ALA D 176 1.11 13.60 5.78
CA ALA D 176 -0.04 13.73 6.66
C ALA D 176 0.16 14.91 7.63
N LEU D 177 1.39 15.36 7.76
CA LEU D 177 1.71 16.46 8.66
C LEU D 177 1.29 17.79 8.05
N VAL D 178 1.44 17.93 6.74
CA VAL D 178 1.10 19.17 6.05
C VAL D 178 -0.32 19.16 5.53
N LYS D 179 -1.05 18.08 5.82
CA LYS D 179 -2.43 17.93 5.35
C LYS D 179 -3.36 18.96 5.94
N ASN D 180 -3.21 19.24 7.23
CA ASN D 180 -4.11 20.16 7.93
C ASN D 180 -3.65 21.62 7.89
N ASP D 181 -2.55 21.86 7.20
CA ASP D 181 -2.06 23.22 6.93
C ASP D 181 -1.80 24.08 8.17
N SER D 182 -0.77 23.73 8.94
CA SER D 182 -0.30 24.58 10.02
C SER D 182 1.03 25.20 9.62
N GLN D 183 1.17 26.51 9.81
CA GLN D 183 2.36 27.23 9.37
C GLN D 183 3.60 26.78 10.12
N ASP D 184 3.41 26.36 11.37
CA ASP D 184 4.54 25.91 12.20
C ASP D 184 5.16 24.61 11.67
N VAL D 185 4.42 23.91 10.81
CA VAL D 185 4.94 22.71 10.18
C VAL D 185 5.89 23.06 9.05
N ILE D 186 5.55 24.10 8.29
CA ILE D 186 6.36 24.55 7.16
C ILE D 186 7.75 25.03 7.60
N THR D 187 7.76 26.01 8.50
CA THR D 187 9.01 26.57 9.02
C THR D 187 9.90 25.48 9.62
N PHE D 188 9.27 24.48 10.23
CA PHE D 188 9.99 23.33 10.76
C PHE D 188 10.69 22.56 9.65
N LEU D 189 9.91 22.14 8.65
CA LEU D 189 10.42 21.32 7.56
C LEU D 189 11.49 22.03 6.74
N LEU D 190 11.41 23.35 6.68
CA LEU D 190 12.35 24.12 5.89
C LEU D 190 13.77 24.13 6.48
N ARG D 191 13.87 23.93 7.79
CA ARG D 191 15.18 23.99 8.46
C ARG D 191 16.08 22.80 8.12
N THR D 192 15.61 21.60 8.39
CA THR D 192 16.26 20.39 7.89
C THR D 192 15.39 19.97 6.74
N ASP D 193 15.86 20.15 5.51
CA ASP D 193 14.87 20.26 4.45
C ASP D 193 14.76 19.20 3.37
N ILE D 194 13.74 18.36 3.53
CA ILE D 194 12.67 18.22 2.55
C ILE D 194 13.03 18.32 1.07
N VAL D 195 12.50 19.35 0.40
CA VAL D 195 12.46 19.48 -1.05
C VAL D 195 13.69 19.08 -1.87
N PRO D 196 14.91 19.42 -1.41
CA PRO D 196 16.06 18.88 -2.14
C PRO D 196 16.05 17.35 -2.15
N LEU D 197 15.55 16.73 -1.08
CA LEU D 197 15.36 15.29 -1.05
C LEU D 197 14.09 14.91 -1.79
N CYS D 198 13.05 15.73 -1.65
CA CYS D 198 11.78 15.47 -2.32
C CYS D 198 11.90 15.57 -3.83
N LEU D 199 12.65 16.56 -4.30
CA LEU D 199 12.87 16.77 -5.74
C LEU D 199 13.51 15.54 -6.39
N ARG D 200 14.41 14.89 -5.66
CA ARG D 200 15.06 13.68 -6.15
C ARG D 200 14.06 12.54 -6.31
N ILE D 201 13.04 12.52 -5.46
CA ILE D 201 11.98 11.52 -5.53
C ILE D 201 11.07 11.76 -6.74
N MET D 202 10.71 13.03 -6.95
CA MET D 202 9.78 13.39 -8.02
C MET D 202 10.29 13.03 -9.41
N GLU D 203 11.61 13.08 -9.58
CA GLU D 203 12.22 12.80 -10.88
C GLU D 203 12.20 11.30 -11.18
N SER D 204 13.01 10.54 -10.45
CA SER D 204 13.10 9.10 -10.67
C SER D 204 12.56 8.31 -9.48
N SER D 205 11.40 7.70 -9.67
CA SER D 205 10.72 6.89 -8.66
C SER D 205 9.39 6.39 -9.21
N SER D 206 8.69 5.58 -8.43
CA SER D 206 7.36 5.12 -8.79
C SER D 206 6.39 6.30 -8.82
N GLU D 207 5.32 6.16 -9.59
CA GLU D 207 4.34 7.25 -9.77
C GLU D 207 3.66 7.61 -8.45
N LEU D 208 3.42 6.60 -7.62
CA LEU D 208 2.83 6.79 -6.30
C LEU D 208 3.64 7.75 -5.43
N SER D 209 4.88 7.37 -5.13
CA SER D 209 5.79 8.20 -4.35
C SER D 209 5.95 9.58 -4.97
N LYS D 210 5.97 9.62 -6.29
CA LYS D 210 6.07 10.89 -7.01
C LYS D 210 4.86 11.79 -6.74
N THR D 211 3.71 11.17 -6.55
CA THR D 211 2.47 11.91 -6.28
C THR D 211 2.49 12.54 -4.88
N VAL D 212 2.94 11.77 -3.90
CA VAL D 212 3.04 12.26 -2.53
C VAL D 212 4.13 13.32 -2.42
N ALA D 213 5.20 13.14 -3.18
CA ALA D 213 6.32 14.06 -3.19
C ALA D 213 5.94 15.44 -3.70
N ILE D 214 5.26 15.48 -4.84
CA ILE D 214 4.79 16.74 -5.41
C ILE D 214 3.72 17.37 -4.52
N PHE D 215 2.99 16.52 -3.79
CA PHE D 215 1.97 17.00 -2.85
C PHE D 215 2.59 17.78 -1.70
N ILE D 216 3.60 17.20 -1.06
CA ILE D 216 4.32 17.86 0.02
C ILE D 216 4.91 19.19 -0.46
N LEU D 217 5.59 19.14 -1.60
CA LEU D 217 6.17 20.34 -2.21
C LEU D 217 5.10 21.39 -2.48
N GLN D 218 3.91 20.94 -2.87
CA GLN D 218 2.79 21.84 -3.15
C GLN D 218 2.36 22.57 -1.88
N LYS D 219 2.25 21.84 -0.78
CA LYS D 219 1.87 22.44 0.50
C LYS D 219 2.87 23.52 0.93
N ILE D 220 4.16 23.22 0.75
CA ILE D 220 5.23 24.16 1.04
C ILE D 220 5.10 25.41 0.17
N LEU D 221 4.82 25.19 -1.12
CA LEU D 221 4.70 26.29 -2.07
C LEU D 221 3.52 27.22 -1.75
N LEU D 222 2.44 26.64 -1.24
CA LEU D 222 1.24 27.40 -0.91
C LEU D 222 1.53 28.47 0.15
N ASP D 223 2.20 28.06 1.22
CA ASP D 223 2.56 28.97 2.30
C ASP D 223 3.46 30.10 1.83
N ASP D 224 3.29 31.27 2.44
CA ASP D 224 4.07 32.45 2.08
C ASP D 224 5.54 32.31 2.46
N VAL D 225 5.80 31.62 3.58
CA VAL D 225 7.15 31.40 4.04
C VAL D 225 7.84 30.33 3.21
N GLY D 226 7.09 29.27 2.90
CA GLY D 226 7.61 28.21 2.07
C GLY D 226 7.90 28.69 0.66
N LEU D 227 7.04 29.57 0.16
CA LEU D 227 7.24 30.15 -1.16
C LEU D 227 8.37 31.18 -1.14
N GLN D 228 8.78 31.58 0.07
CA GLN D 228 9.95 32.44 0.23
C GLN D 228 11.26 31.66 0.20
N TYR D 229 11.29 30.52 0.89
CA TYR D 229 12.50 29.70 0.96
C TYR D 229 12.88 29.20 -0.43
N ILE D 230 11.90 28.59 -1.11
CA ILE D 230 12.03 28.31 -2.53
C ILE D 230 11.91 29.66 -3.23
N CYS D 231 12.51 29.79 -4.40
CA CYS D 231 12.53 31.05 -5.15
C CYS D 231 13.23 32.17 -4.35
N ALA D 232 14.07 31.77 -3.40
CA ALA D 232 14.97 32.70 -2.73
C ALA D 232 16.22 32.90 -3.57
N THR D 233 16.73 31.81 -4.11
CA THR D 233 17.95 31.82 -4.90
C THR D 233 17.74 31.14 -6.25
N LEU D 234 18.53 31.53 -7.24
CA LEU D 234 18.44 30.97 -8.59
C LEU D 234 18.76 29.46 -8.58
N GLU D 235 19.68 29.06 -7.72
CA GLU D 235 20.06 27.66 -7.62
C GLU D 235 18.90 26.80 -7.14
N ARG D 236 18.11 27.34 -6.22
CA ARG D 236 16.94 26.64 -5.68
C ARG D 236 15.76 26.72 -6.63
N PHE D 237 15.60 27.85 -7.30
CA PHE D 237 14.50 28.06 -8.24
C PHE D 237 14.60 27.07 -9.41
N TYR D 238 15.74 27.08 -10.10
CA TYR D 238 15.96 26.21 -11.24
C TYR D 238 16.04 24.75 -10.83
N ALA D 239 16.26 24.50 -9.55
CA ALA D 239 16.25 23.13 -9.03
C ALA D 239 14.84 22.57 -9.09
N VAL D 240 13.86 23.37 -8.69
CA VAL D 240 12.48 22.94 -8.68
C VAL D 240 11.85 22.96 -10.07
N THR D 241 12.15 24.01 -10.84
CA THR D 241 11.60 24.17 -12.19
C THR D 241 12.02 23.05 -13.14
N ASN D 242 13.32 22.76 -13.17
CA ASN D 242 13.87 21.74 -14.05
C ASN D 242 13.26 20.35 -13.82
N VAL D 243 13.01 20.02 -12.57
CA VAL D 243 12.38 18.74 -12.23
C VAL D 243 10.95 18.72 -12.76
N LEU D 244 10.24 19.82 -12.56
CA LEU D 244 8.87 19.95 -13.05
C LEU D 244 8.83 19.89 -14.57
N LYS D 245 9.82 20.50 -15.22
CA LYS D 245 9.95 20.41 -16.66
C LYS D 245 10.18 18.97 -17.08
N ASP D 246 11.05 18.29 -16.34
CA ASP D 246 11.34 16.89 -16.60
C ASP D 246 10.17 15.99 -16.21
N MET D 247 9.25 16.54 -15.43
CA MET D 247 8.02 15.82 -15.07
C MET D 247 7.01 15.87 -16.21
N VAL D 248 6.89 17.03 -16.84
CA VAL D 248 5.93 17.24 -17.92
C VAL D 248 6.34 16.50 -19.19
N GLU D 249 7.62 16.57 -19.54
CA GLU D 249 8.13 15.91 -20.73
C GLU D 249 8.07 14.39 -20.60
N HIS D 250 8.51 13.88 -19.45
CA HIS D 250 8.57 12.44 -19.22
C HIS D 250 7.18 11.83 -18.98
N LEU D 251 6.17 12.70 -18.91
CA LEU D 251 4.79 12.26 -18.71
C LEU D 251 4.35 11.30 -19.82
N GLY D 258 -3.58 11.18 -14.79
CA GLY D 258 -2.87 11.08 -13.53
C GLY D 258 -2.97 12.36 -12.71
N ARG D 259 -2.85 12.21 -11.40
CA ARG D 259 -2.93 13.34 -10.49
C ARG D 259 -1.62 14.14 -10.47
N LEU D 260 -0.59 13.58 -11.08
CA LEU D 260 0.71 14.23 -11.14
C LEU D 260 0.65 15.51 -11.99
N LEU D 261 -0.35 15.60 -12.85
CA LEU D 261 -0.50 16.78 -13.71
C LEU D 261 -1.16 17.95 -13.00
N LYS D 262 -2.19 17.68 -12.21
CA LYS D 262 -2.94 18.73 -11.54
C LYS D 262 -2.11 19.45 -10.47
N HIS D 263 -1.18 18.72 -9.86
CA HIS D 263 -0.30 19.30 -8.86
C HIS D 263 0.76 20.18 -9.50
N ILE D 264 1.26 19.74 -10.66
CA ILE D 264 2.22 20.53 -11.44
C ILE D 264 1.60 21.89 -11.83
N ILE D 265 0.39 21.84 -12.36
CA ILE D 265 -0.31 23.06 -12.75
C ILE D 265 -0.49 24.01 -11.57
N ARG D 266 -0.71 23.44 -10.38
CA ARG D 266 -0.89 24.23 -9.18
C ARG D 266 0.44 24.82 -8.69
N CYS D 267 1.49 24.00 -8.69
CA CYS D 267 2.81 24.43 -8.25
C CYS D 267 3.33 25.59 -9.09
N TYR D 268 3.13 25.51 -10.40
CA TYR D 268 3.50 26.60 -11.29
C TYR D 268 2.64 27.82 -11.02
N LEU D 269 1.37 27.60 -10.71
CA LEU D 269 0.43 28.68 -10.43
C LEU D 269 0.83 29.47 -9.19
N ARG D 270 1.25 28.75 -8.16
CA ARG D 270 1.68 29.37 -6.92
C ARG D 270 2.95 30.19 -7.13
N LEU D 271 3.86 29.65 -7.93
CA LEU D 271 5.13 30.34 -8.23
C LEU D 271 4.91 31.54 -9.14
N SER D 272 3.77 31.56 -9.83
CA SER D 272 3.43 32.67 -10.71
C SER D 272 3.15 33.95 -9.89
N ASP D 273 2.92 33.77 -8.60
CA ASP D 273 2.66 34.89 -7.69
C ASP D 273 3.89 35.76 -7.51
N ASP D 274 5.07 35.13 -7.37
CA ASP D 274 6.33 35.86 -7.24
C ASP D 274 6.61 36.62 -8.53
N LEU D 275 6.86 37.92 -8.42
CA LEU D 275 7.09 38.75 -9.59
C LEU D 275 8.40 38.42 -10.29
N GLU D 276 9.39 38.01 -9.50
CA GLU D 276 10.68 37.63 -10.07
C GLU D 276 10.57 36.28 -10.78
N ALA D 277 9.92 35.32 -10.13
CA ALA D 277 9.70 34.01 -10.73
C ALA D 277 8.84 34.13 -11.98
N ARG D 278 7.82 34.97 -11.91
CA ARG D 278 6.95 35.21 -13.06
C ARG D 278 7.73 35.77 -14.23
N ARG D 279 8.68 36.66 -13.93
CA ARG D 279 9.55 37.23 -14.95
C ARG D 279 10.41 36.13 -15.57
N LEU D 280 10.85 35.19 -14.74
CA LEU D 280 11.67 34.07 -15.20
C LEU D 280 10.82 32.98 -15.85
N LEU D 281 9.64 32.73 -15.27
CA LEU D 281 8.74 31.69 -15.79
C LEU D 281 8.31 31.96 -17.22
N LYS D 282 8.22 33.23 -17.58
CA LYS D 282 7.85 33.63 -18.94
C LYS D 282 8.74 32.93 -19.97
N ILE D 283 10.04 32.97 -19.74
CA ILE D 283 11.00 32.31 -20.63
C ILE D 283 11.10 30.81 -20.35
N VAL D 284 11.10 30.45 -19.08
CA VAL D 284 11.37 29.08 -18.67
C VAL D 284 10.14 28.16 -18.66
N LEU D 285 8.99 28.71 -19.05
CA LEU D 285 7.75 27.92 -19.08
C LEU D 285 7.86 26.78 -20.07
N PRO D 286 7.57 25.56 -19.61
CA PRO D 286 7.52 24.40 -20.53
C PRO D 286 6.44 24.61 -21.57
N ALA D 287 6.79 24.43 -22.84
CA ALA D 287 5.88 24.74 -23.93
C ALA D 287 4.71 23.75 -24.03
N LYS D 288 4.91 22.55 -23.48
CA LYS D 288 3.91 21.49 -23.54
C LYS D 288 2.59 21.88 -22.88
N LEU D 289 2.65 22.81 -21.94
CA LEU D 289 1.45 23.28 -21.24
C LEU D 289 0.66 24.28 -22.10
N ARG D 290 1.39 25.17 -22.78
CA ARG D 290 0.76 26.16 -23.64
C ARG D 290 0.42 25.58 -25.01
N ASP D 291 0.82 24.33 -25.24
CA ASP D 291 0.65 23.69 -26.55
C ASP D 291 -0.67 22.95 -26.70
N ASN D 292 -1.53 23.04 -25.67
CA ASN D 292 -2.86 22.43 -25.72
C ASN D 292 -2.86 20.90 -25.76
N THR D 293 -1.66 20.32 -25.79
CA THR D 293 -1.49 18.88 -25.93
C THR D 293 -2.20 18.07 -24.85
N PHE D 294 -2.26 18.61 -23.63
CA PHE D 294 -2.83 17.90 -22.49
C PHE D 294 -4.31 18.21 -22.26
N THR D 295 -4.89 19.00 -23.16
CA THR D 295 -6.28 19.46 -23.01
C THR D 295 -7.29 18.33 -22.87
N GLU D 296 -7.12 17.28 -23.66
CA GLU D 296 -8.05 16.16 -23.67
C GLU D 296 -8.19 15.51 -22.29
N VAL D 297 -7.08 15.37 -21.58
CA VAL D 297 -7.09 14.79 -20.25
C VAL D 297 -7.51 15.83 -19.21
N LEU D 298 -7.43 17.10 -19.58
CA LEU D 298 -7.73 18.19 -18.66
C LEU D 298 -9.19 18.62 -18.73
N ARG D 299 -9.96 17.97 -19.59
CA ARG D 299 -11.38 18.28 -19.74
C ARG D 299 -12.21 17.67 -18.62
N ASP D 300 -11.65 16.65 -17.97
CA ASP D 300 -12.36 15.95 -16.90
C ASP D 300 -12.14 16.60 -15.53
N ASP D 301 -11.18 17.52 -15.46
CA ASP D 301 -10.89 18.22 -14.21
C ASP D 301 -11.08 19.73 -14.38
N VAL D 302 -12.08 20.28 -13.69
CA VAL D 302 -12.40 21.69 -13.81
C VAL D 302 -11.39 22.57 -13.08
N GLY D 303 -11.04 22.17 -11.86
CA GLY D 303 -10.08 22.89 -11.04
C GLY D 303 -8.72 22.98 -11.74
N SER D 304 -8.28 21.85 -12.28
CA SER D 304 -7.03 21.80 -13.02
C SER D 304 -7.09 22.73 -14.22
N LYS D 305 -8.24 22.75 -14.88
CA LYS D 305 -8.47 23.62 -16.02
C LYS D 305 -8.45 25.09 -15.60
N ARG D 306 -9.08 25.37 -14.46
CA ARG D 306 -9.15 26.72 -13.94
C ARG D 306 -7.77 27.27 -13.59
N CYS D 307 -6.96 26.44 -12.93
CA CYS D 307 -5.62 26.85 -12.49
C CYS D 307 -4.69 27.14 -13.68
N LEU D 308 -4.58 26.18 -14.58
CA LEU D 308 -3.69 26.28 -15.73
C LEU D 308 -4.06 27.47 -16.62
N ALA D 309 -5.35 27.76 -16.70
CA ALA D 309 -5.83 28.90 -17.47
C ALA D 309 -5.35 30.21 -16.87
N GLN D 310 -5.50 30.34 -15.56
CA GLN D 310 -5.04 31.53 -14.85
C GLN D 310 -3.52 31.65 -14.92
N LEU D 311 -2.85 30.51 -14.89
CA LEU D 311 -1.38 30.48 -14.96
C LEU D 311 -0.87 31.05 -16.28
N LEU D 312 -1.46 30.63 -17.38
CA LEU D 312 -1.09 31.13 -18.70
C LEU D 312 -1.55 32.58 -18.87
N LEU D 313 -2.59 32.95 -18.15
CA LEU D 313 -3.12 34.32 -18.20
C LEU D 313 -2.26 35.27 -17.38
N THR D 314 -1.87 34.84 -16.18
CA THR D 314 -1.01 35.64 -15.32
C THR D 314 0.37 35.81 -15.93
N LEU D 315 0.82 34.78 -16.64
CA LEU D 315 2.10 34.83 -17.33
C LEU D 315 2.06 35.90 -18.42
N ASN D 316 3.23 36.45 -18.75
CA ASN D 316 3.33 37.58 -19.67
C ASN D 316 2.53 38.78 -19.18
N GLU D 317 1.75 39.38 -20.07
CA GLU D 317 0.93 40.54 -19.70
C GLU D 317 -0.28 40.68 -20.62
TA1 TBR E . -11.00 5.95 -22.19
TA2 TBR E . -12.46 8.45 -21.77
TA3 TBR E . -10.47 7.59 -19.80
TA4 TBR E . -9.94 9.90 -21.55
TA5 TBR E . -8.47 7.40 -21.96
TA6 TBR E . -10.47 8.26 -23.93
BR1 TBR E . -13.60 6.13 -22.12
BR2 TBR E . -11.15 5.05 -19.75
BR3 TBR E . -8.66 4.84 -22.36
BR4 TBR E . -11.10 5.89 -24.80
BR5 TBR E . -12.96 8.18 -19.24
BR6 TBR E . -8.00 6.85 -19.48
BR7 TBR E . -7.34 9.71 -21.60
BR8 TBR E . -9.79 10.79 -23.98
BR9 TBR E . -12.27 11.01 -21.38
BRA TBR E . -9.84 9.95 -18.94
BRB TBR E . -7.98 7.67 -24.49
BRC TBR E . -12.94 9.00 -24.25
TA1 TBR F . -46.10 -9.19 -12.61
TA2 TBR F . -47.32 -6.53 -12.52
TA3 TBR F . -45.54 -7.38 -10.36
TA4 TBR F . -44.68 -5.33 -12.27
TA5 TBR F . -43.46 -7.98 -12.35
TA6 TBR F . -45.25 -7.14 -14.52
BR1 TBR F . -48.67 -8.76 -12.73
BR2 TBR F . -46.48 -9.83 -10.11
BR3 TBR F . -43.89 -10.54 -12.53
BR4 TBR F . -46.06 -9.50 -15.21
BR5 TBR F . -47.97 -6.51 -10.02
BR6 TBR F . -43.17 -8.34 -9.81
BR7 TBR F . -42.10 -5.77 -12.14
BR8 TBR F . -44.38 -4.68 -14.77
BR9 TBR F . -46.89 -3.98 -12.35
BRA TBR F . -44.71 -5.03 -9.68
BRB TBR F . -42.81 -8.02 -14.86
BRC TBR F . -47.61 -6.20 -15.06
TA1 TBR G . -25.67 -33.15 -4.14
TA2 TBR G . -26.91 -30.83 -2.88
TA3 TBR G . -24.86 -32.34 -1.43
TA4 TBR G . -24.28 -29.65 -2.45
TA5 TBR G . -23.02 -31.97 -3.71
TA6 TBR G . -25.08 -30.47 -5.16
BR1 TBR G . -28.24 -32.87 -3.80
BR2 TBR G . -25.72 -34.73 -2.07
BR3 TBR G . -23.44 -34.29 -4.83
BR4 TBR G . -25.96 -32.41 -6.62
BR5 TBR G . -27.25 -31.81 -0.51
BR6 TBR G . -22.43 -33.27 -1.55
BR7 TBR G . -21.70 -29.94 -2.79
BR8 TBR G . -24.21 -28.08 -4.53
BR9 TBR G . -26.50 -28.52 -1.76
BRA TBR G . -23.99 -30.37 0.04
BRB TBR G . -22.69 -30.99 -6.09
BRC TBR G . -27.51 -29.54 -5.04
#